data_4U0H
#
_entry.id   4U0H
#
_cell.length_a   178.926
_cell.length_b   178.926
_cell.length_c   265.251
_cell.angle_alpha   90.000
_cell.angle_beta   90.000
_cell.angle_gamma   120.000
#
_symmetry.space_group_name_H-M   'P 61 2 2'
#
loop_
_entity.id
_entity.type
_entity.pdbx_description
1 polymer 'ATP-dependent Clp protease proteolytic subunit 1'
2 non-polymer 'SULFATE ION'
3 water water
#
_entity_poly.entity_id   1
_entity_poly.type   'polypeptide(L)'
_entity_poly.pdbx_seq_one_letter_code
;(MSE)RSNSQGLSLTDSVYERLLSERIIFLGSEVNDEIANRLCAQILLLAAEDASKDISLYINSPGGSISAG(MSE)AIY
DT(MSE)VLAPCDIATYA(MSE)G(MSE)AAS(MSE)GEFLLAAGTKGKRYALPHARIL(MSE)HQPLGGVTGSAADIAI
QAEQFAVIKKE(MSE)FRLNAEFTGQPIERIEADSDRDRWFTAAEALEYGFVDHIITRAHVNGEAQ
;
_entity_poly.pdbx_strand_id   A,B,C,D,E,F,G
#
# COMPACT_ATOMS: atom_id res chain seq x y z
N LEU A 8 3.98 5.21 1.78
CA LEU A 8 5.17 5.92 1.34
C LEU A 8 6.37 4.98 1.26
N SER A 9 7.17 5.14 0.22
CA SER A 9 8.39 4.36 0.07
C SER A 9 9.58 5.19 0.57
N LEU A 10 10.75 4.56 0.68
CA LEU A 10 11.94 5.28 1.10
C LEU A 10 12.26 6.37 0.07
N THR A 11 12.25 5.98 -1.20
CA THR A 11 12.56 6.91 -2.29
C THR A 11 11.66 8.14 -2.26
N ASP A 12 10.35 7.92 -2.22
CA ASP A 12 9.39 9.01 -2.19
C ASP A 12 9.56 9.84 -0.92
N SER A 13 9.93 9.19 0.17
CA SER A 13 10.16 9.87 1.43
C SER A 13 11.34 10.83 1.31
N VAL A 14 12.42 10.35 0.70
CA VAL A 14 13.61 11.17 0.49
C VAL A 14 13.27 12.35 -0.42
N TYR A 15 12.51 12.09 -1.48
CA TYR A 15 12.12 13.13 -2.41
C TYR A 15 11.21 14.16 -1.73
N GLU A 16 10.32 13.71 -0.85
CA GLU A 16 9.45 14.63 -0.13
C GLU A 16 10.23 15.47 0.87
N ARG A 17 11.08 14.81 1.65
CA ARG A 17 11.93 15.51 2.61
C ARG A 17 12.83 16.50 1.87
N LEU A 18 13.24 16.14 0.67
CA LEU A 18 13.99 17.04 -0.19
C LEU A 18 13.11 18.19 -0.65
N LEU A 19 11.86 17.88 -0.99
CA LEU A 19 10.89 18.90 -1.39
C LEU A 19 10.74 19.95 -0.29
N SER A 20 10.77 19.49 0.96
CA SER A 20 10.71 20.40 2.09
C SER A 20 11.93 21.32 2.11
N GLU A 21 13.03 20.85 1.52
CA GLU A 21 14.25 21.66 1.42
C GLU A 21 14.28 22.42 0.09
N ARG A 22 13.13 22.43 -0.60
CA ARG A 22 13.01 23.12 -1.89
C ARG A 22 14.01 22.57 -2.90
N ILE A 23 14.15 21.25 -2.91
CA ILE A 23 14.99 20.54 -3.88
C ILE A 23 14.15 19.54 -4.66
N ILE A 24 14.15 19.68 -5.98
CA ILE A 24 13.37 18.81 -6.85
C ILE A 24 14.27 18.10 -7.85
N PHE A 25 13.83 16.92 -8.30
CA PHE A 25 14.63 16.07 -9.19
C PHE A 25 13.96 15.81 -10.54
N LEU A 26 14.77 15.80 -11.58
CA LEU A 26 14.34 15.32 -12.89
C LEU A 26 15.30 14.22 -13.32
N GLY A 27 15.02 13.00 -12.89
CA GLY A 27 15.93 11.88 -13.09
C GLY A 27 15.45 10.83 -14.06
N SER A 28 14.47 11.18 -14.89
CA SER A 28 13.93 10.24 -15.88
C SER A 28 13.53 10.98 -17.15
N GLU A 29 13.06 10.23 -18.15
CA GLU A 29 12.66 10.82 -19.41
C GLU A 29 11.49 11.78 -19.19
N VAL A 30 11.47 12.85 -19.97
CA VAL A 30 10.43 13.87 -19.85
C VAL A 30 9.17 13.50 -20.63
N ASN A 31 8.06 13.36 -19.93
CA ASN A 31 6.76 13.12 -20.55
C ASN A 31 5.69 13.91 -19.81
N ASP A 32 4.43 13.75 -20.22
CA ASP A 32 3.34 14.52 -19.63
C ASP A 32 3.19 14.24 -18.14
N GLU A 33 3.34 12.99 -17.73
CA GLU A 33 3.17 12.64 -16.33
C GLU A 33 4.28 13.28 -15.49
N ILE A 34 5.53 13.04 -15.87
CA ILE A 34 6.66 13.63 -15.16
C ILE A 34 6.56 15.16 -15.19
N ALA A 35 6.15 15.70 -16.32
CA ALA A 35 5.97 17.14 -16.45
C ALA A 35 4.94 17.66 -15.45
N ASN A 36 3.76 17.04 -15.46
CA ASN A 36 2.70 17.43 -14.55
C ASN A 36 3.15 17.38 -13.10
N ARG A 37 3.83 16.29 -12.75
CA ARG A 37 4.35 16.12 -11.40
C ARG A 37 5.36 17.20 -11.07
N LEU A 38 6.29 17.46 -11.98
CA LEU A 38 7.32 18.47 -11.76
C LEU A 38 6.68 19.86 -11.66
N CYS A 39 5.79 20.18 -12.59
CA CYS A 39 5.07 21.45 -12.57
C CYS A 39 4.33 21.61 -11.25
N ALA A 40 3.69 20.53 -10.81
CA ALA A 40 2.97 20.51 -9.54
C ALA A 40 3.90 20.89 -8.40
N GLN A 41 5.08 20.28 -8.38
CA GLN A 41 6.07 20.55 -7.34
C GLN A 41 6.51 22.01 -7.36
N ILE A 42 6.79 22.55 -8.55
CA ILE A 42 7.21 23.94 -8.67
C ILE A 42 6.13 24.88 -8.17
N LEU A 43 4.89 24.65 -8.60
CA LEU A 43 3.77 25.46 -8.16
C LEU A 43 3.62 25.39 -6.65
N LEU A 44 3.78 24.18 -6.10
CA LEU A 44 3.68 23.99 -4.66
C LEU A 44 4.74 24.81 -3.93
N LEU A 45 6.00 24.66 -4.34
CA LEU A 45 7.10 25.38 -3.71
C LEU A 45 6.93 26.89 -3.87
N ALA A 46 6.43 27.30 -5.04
CA ALA A 46 6.17 28.70 -5.29
C ALA A 46 5.06 29.22 -4.37
N ALA A 47 4.07 28.37 -4.13
CA ALA A 47 2.97 28.72 -3.24
C ALA A 47 3.43 28.83 -1.79
N GLU A 48 4.22 27.85 -1.36
CA GLU A 48 4.71 27.82 0.01
C GLU A 48 5.56 29.04 0.33
N ASP A 49 6.50 29.36 -0.54
CA ASP A 49 7.37 30.53 -0.34
C ASP A 49 7.89 31.02 -1.69
N ALA A 50 7.52 32.24 -2.05
CA ALA A 50 7.85 32.79 -3.36
C ALA A 50 9.16 33.58 -3.34
N SER A 51 9.80 33.65 -2.18
CA SER A 51 11.03 34.43 -2.02
C SER A 51 12.26 33.54 -2.04
N LYS A 52 12.08 32.27 -1.66
CA LYS A 52 13.19 31.33 -1.57
C LYS A 52 13.43 30.59 -2.87
N ASP A 53 14.70 30.39 -3.21
CA ASP A 53 15.07 29.69 -4.44
C ASP A 53 14.56 28.26 -4.47
N ILE A 54 14.50 27.71 -5.69
CA ILE A 54 14.21 26.29 -5.89
C ILE A 54 15.40 25.67 -6.60
N SER A 55 15.84 24.51 -6.14
CA SER A 55 16.96 23.81 -6.75
C SER A 55 16.46 22.61 -7.53
N LEU A 56 16.70 22.64 -8.85
CA LEU A 56 16.30 21.55 -9.74
C LEU A 56 17.52 20.78 -10.21
N TYR A 57 17.65 19.55 -9.74
CA TYR A 57 18.76 18.68 -10.12
C TYR A 57 18.32 17.79 -11.28
N ILE A 58 19.12 17.81 -12.35
CA ILE A 58 18.74 17.16 -13.60
C ILE A 58 19.69 16.01 -13.97
N ASN A 59 19.11 14.84 -14.17
CA ASN A 59 19.82 13.70 -14.71
C ASN A 59 18.87 12.92 -15.60
N SER A 60 18.51 13.53 -16.74
CA SER A 60 17.44 13.03 -17.59
C SER A 60 17.89 12.90 -19.05
N PRO A 61 17.44 11.83 -19.73
CA PRO A 61 17.75 11.67 -21.15
C PRO A 61 16.88 12.55 -22.05
N GLY A 62 15.99 13.34 -21.46
CA GLY A 62 15.15 14.24 -22.23
C GLY A 62 13.81 13.60 -22.59
N GLY A 63 13.17 14.10 -23.64
CA GLY A 63 11.89 13.57 -24.07
C GLY A 63 11.10 14.51 -24.95
N SER A 64 9.78 14.49 -24.78
CA SER A 64 8.88 15.28 -25.60
C SER A 64 9.08 16.77 -25.37
N ILE A 65 8.98 17.55 -26.45
CA ILE A 65 9.16 18.98 -26.37
C ILE A 65 8.04 19.64 -25.57
N SER A 66 6.80 19.28 -25.88
CA SER A 66 5.64 19.88 -25.23
C SER A 66 5.73 19.76 -23.71
N ALA A 67 6.13 18.59 -23.23
CA ALA A 67 6.28 18.36 -21.80
C ALA A 67 7.34 19.28 -21.20
N GLY A 68 8.52 19.29 -21.81
CA GLY A 68 9.60 20.14 -21.34
C GLY A 68 9.23 21.61 -21.36
N ALA A 70 6.22 22.79 -21.06
CA ALA A 70 5.27 22.97 -19.96
C ALA A 70 6.01 23.18 -18.66
N ILE A 71 7.03 22.37 -18.41
CA ILE A 71 7.88 22.55 -17.24
C ILE A 71 8.51 23.93 -17.27
N TYR A 72 9.05 24.32 -18.43
CA TYR A 72 9.69 25.62 -18.57
C TYR A 72 8.72 26.76 -18.30
N ASP A 73 7.55 26.71 -18.90
CA ASP A 73 6.55 27.75 -18.68
C ASP A 73 6.25 27.87 -17.20
N THR A 74 6.13 26.74 -16.53
CA THR A 74 5.88 26.71 -15.08
C THR A 74 7.06 27.29 -14.33
N VAL A 76 9.13 29.71 -15.51
CA VAL A 76 9.07 31.16 -15.71
C VAL A 76 7.96 31.75 -14.87
N LEU A 77 6.87 30.98 -14.73
CA LEU A 77 5.74 31.39 -13.91
C LEU A 77 6.13 31.58 -12.46
N ALA A 78 6.98 30.70 -11.96
CA ALA A 78 7.42 30.76 -10.57
C ALA A 78 8.18 32.06 -10.31
N PRO A 79 7.75 32.83 -9.30
CA PRO A 79 8.45 34.10 -9.02
C PRO A 79 9.88 33.88 -8.54
N CYS A 80 10.09 32.87 -7.71
CA CYS A 80 11.40 32.57 -7.15
C CYS A 80 12.39 32.16 -8.22
N ASP A 81 13.68 32.32 -7.92
CA ASP A 81 14.73 31.86 -8.82
C ASP A 81 14.77 30.34 -8.82
N ILE A 82 15.08 29.76 -9.98
CA ILE A 82 15.22 28.32 -10.10
C ILE A 82 16.66 28.00 -10.48
N ALA A 83 17.40 27.43 -9.53
CA ALA A 83 18.77 27.02 -9.80
C ALA A 83 18.77 25.62 -10.40
N THR A 84 19.50 25.46 -11.50
CA THR A 84 19.56 24.18 -12.20
C THR A 84 20.94 23.54 -12.06
N TYR A 85 20.95 22.24 -11.83
CA TYR A 85 22.18 21.48 -11.68
C TYR A 85 22.22 20.30 -12.65
N ALA A 86 23.21 20.30 -13.54
CA ALA A 86 23.46 19.15 -14.39
C ALA A 86 24.19 18.08 -13.58
N GLY A 88 24.00 14.29 -13.73
CA GLY A 88 24.58 13.18 -14.45
C GLY A 88 24.56 13.42 -15.94
N ALA A 90 22.24 15.67 -19.07
CA ALA A 90 21.19 16.56 -19.52
C ALA A 90 21.10 16.49 -21.04
N ALA A 91 20.17 15.67 -21.53
CA ALA A 91 20.01 15.45 -22.96
C ALA A 91 18.67 16.00 -23.45
N SER A 92 18.68 16.51 -24.68
CA SER A 92 17.47 17.06 -25.30
C SER A 92 16.82 18.10 -24.40
N GLY A 94 16.40 17.85 -21.24
CA GLY A 94 17.18 17.94 -20.02
C GLY A 94 18.14 19.11 -20.16
N GLU A 95 18.78 19.19 -21.31
CA GLU A 95 19.68 20.30 -21.60
C GLU A 95 18.93 21.62 -21.64
N PHE A 96 17.76 21.61 -22.27
CA PHE A 96 16.95 22.82 -22.38
C PHE A 96 16.57 23.37 -21.02
N LEU A 97 16.01 22.49 -20.18
CA LEU A 97 15.59 22.90 -18.83
C LEU A 97 16.79 23.31 -17.99
N LEU A 98 17.93 22.67 -18.23
CA LEU A 98 19.17 23.05 -17.56
C LEU A 98 19.52 24.50 -17.91
N ALA A 99 19.59 24.79 -19.20
CA ALA A 99 19.94 26.13 -19.67
C ALA A 99 18.86 27.14 -19.34
N ALA A 100 17.65 26.67 -19.08
CA ALA A 100 16.53 27.54 -18.79
C ALA A 100 16.55 28.05 -17.35
N GLY A 101 17.52 27.56 -16.57
CA GLY A 101 17.65 27.97 -15.18
C GLY A 101 17.94 29.45 -15.07
N THR A 102 17.71 30.00 -13.88
CA THR A 102 18.00 31.40 -13.62
C THR A 102 19.46 31.68 -13.91
N LYS A 103 19.73 32.69 -14.73
CA LYS A 103 21.09 33.01 -15.12
C LYS A 103 21.95 33.33 -13.91
N GLY A 104 23.10 32.66 -13.82
CA GLY A 104 24.01 32.82 -12.71
C GLY A 104 23.87 31.69 -11.70
N LYS A 105 22.76 30.96 -11.78
CA LYS A 105 22.51 29.84 -10.88
C LYS A 105 22.31 28.55 -11.68
N ARG A 106 22.92 28.49 -12.85
CA ARG A 106 22.95 27.28 -13.65
C ARG A 106 24.29 26.58 -13.45
N TYR A 107 24.26 25.43 -12.78
CA TYR A 107 25.47 24.71 -12.42
C TYR A 107 25.61 23.40 -13.18
N ALA A 108 26.84 22.96 -13.33
CA ALA A 108 27.14 21.65 -13.90
C ALA A 108 28.13 20.92 -13.00
N LEU A 109 27.88 19.64 -12.77
CA LEU A 109 28.79 18.84 -11.96
C LEU A 109 29.97 18.44 -12.85
N PRO A 110 31.15 18.24 -12.24
CA PRO A 110 32.39 18.08 -13.00
C PRO A 110 32.33 17.06 -14.15
N HIS A 111 31.61 15.97 -13.95
CA HIS A 111 31.56 14.91 -14.96
C HIS A 111 30.18 14.79 -15.60
N ALA A 112 29.40 15.87 -15.52
CA ALA A 112 28.11 15.90 -16.19
C ALA A 112 28.30 15.96 -17.70
N ARG A 113 27.28 15.55 -18.43
CA ARG A 113 27.30 15.56 -19.89
C ARG A 113 26.04 16.19 -20.44
N ILE A 114 26.23 17.19 -21.30
CA ILE A 114 25.12 17.90 -21.92
C ILE A 114 25.04 17.51 -23.39
N LEU A 115 23.90 16.93 -23.76
CA LEU A 115 23.65 16.49 -25.13
C LEU A 115 22.58 17.34 -25.79
N HIS A 117 20.03 17.64 -29.13
CA HIS A 117 19.31 16.70 -29.97
C HIS A 117 17.98 17.30 -30.38
N GLN A 118 17.65 17.21 -31.66
CA GLN A 118 16.36 17.68 -32.16
C GLN A 118 15.34 16.55 -32.10
N PRO A 119 14.37 16.63 -31.18
CA PRO A 119 13.41 15.52 -31.15
C PRO A 119 12.61 15.49 -32.44
N LEU A 120 12.08 14.33 -32.81
CA LEU A 120 11.27 14.20 -34.02
C LEU A 120 9.80 14.10 -33.67
N GLY A 121 9.49 14.10 -32.37
CA GLY A 121 8.13 14.07 -31.89
C GLY A 121 7.33 12.87 -32.33
N GLY A 122 6.23 13.12 -33.03
CA GLY A 122 5.39 12.07 -33.58
C GLY A 122 4.06 11.98 -32.85
N GLY A 125 1.17 10.93 -30.96
CA GLY A 125 0.20 9.88 -31.23
C GLY A 125 -1.08 10.07 -30.45
N SER A 126 -1.56 11.31 -30.41
CA SER A 126 -2.79 11.64 -29.69
C SER A 126 -4.00 11.49 -30.62
N ALA A 127 -5.18 11.68 -30.04
CA ALA A 127 -6.43 11.59 -30.79
C ALA A 127 -6.63 12.83 -31.66
N ALA A 128 -5.79 12.98 -32.68
CA ALA A 128 -5.86 14.16 -33.54
C ALA A 128 -5.30 13.88 -34.93
N ASP A 129 -5.51 14.84 -35.83
CA ASP A 129 -5.04 14.74 -37.20
C ASP A 129 -3.53 14.96 -37.28
N ILE A 130 -2.86 14.18 -38.12
CA ILE A 130 -1.42 14.22 -38.25
C ILE A 130 -0.98 15.62 -38.69
N ALA A 131 -1.79 16.27 -39.52
CA ALA A 131 -1.47 17.60 -40.02
C ALA A 131 -1.39 18.60 -38.86
N ILE A 132 -2.37 18.55 -37.98
CA ILE A 132 -2.41 19.43 -36.81
C ILE A 132 -1.20 19.18 -35.91
N GLN A 133 -0.94 17.91 -35.62
CA GLN A 133 0.21 17.55 -34.80
C GLN A 133 1.50 18.07 -35.40
N ALA A 134 1.63 17.93 -36.72
CA ALA A 134 2.80 18.43 -37.43
C ALA A 134 2.95 19.93 -37.27
N GLU A 135 1.86 20.65 -37.46
CA GLU A 135 1.85 22.11 -37.30
C GLU A 135 2.33 22.50 -35.90
N GLN A 136 1.65 21.96 -34.89
CA GLN A 136 1.98 22.25 -33.50
C GLN A 136 3.45 21.95 -33.21
N PHE A 137 3.93 20.79 -33.66
CA PHE A 137 5.31 20.40 -33.44
C PHE A 137 6.28 21.39 -34.09
N ALA A 138 5.97 21.80 -35.31
CA ALA A 138 6.81 22.76 -36.02
C ALA A 138 6.96 24.05 -35.23
N VAL A 139 5.83 24.59 -34.77
CA VAL A 139 5.82 25.81 -33.96
C VAL A 139 6.68 25.67 -32.72
N ILE A 140 6.39 24.67 -31.90
CA ILE A 140 7.07 24.50 -30.63
C ILE A 140 8.55 24.17 -30.84
N LYS A 141 8.86 23.46 -31.92
CA LYS A 141 10.23 23.17 -32.28
C LYS A 141 11.00 24.47 -32.52
N LYS A 142 10.45 25.32 -33.37
CA LYS A 142 11.05 26.62 -33.65
C LYS A 142 11.23 27.41 -32.35
N GLU A 143 10.20 27.39 -31.52
CA GLU A 143 10.24 28.07 -30.23
C GLU A 143 11.33 27.52 -29.32
N PHE A 145 14.24 26.03 -30.33
CA PHE A 145 15.49 26.52 -30.91
C PHE A 145 15.73 27.98 -30.54
N ARG A 146 14.69 28.80 -30.66
CA ARG A 146 14.78 30.21 -30.29
C ARG A 146 15.23 30.39 -28.84
N LEU A 147 14.49 29.78 -27.93
CA LEU A 147 14.79 29.90 -26.51
C LEU A 147 16.13 29.29 -26.14
N ASN A 148 16.49 28.19 -26.79
CA ASN A 148 17.78 27.57 -26.56
C ASN A 148 18.89 28.54 -26.93
N ALA A 149 18.74 29.17 -28.08
CA ALA A 149 19.66 30.20 -28.53
C ALA A 149 19.72 31.34 -27.52
N GLU A 150 18.56 31.74 -27.00
CA GLU A 150 18.49 32.81 -26.01
C GLU A 150 19.24 32.44 -24.73
N PHE A 151 19.05 31.21 -24.27
CA PHE A 151 19.68 30.73 -23.05
C PHE A 151 21.20 30.69 -23.17
N THR A 152 21.68 30.09 -24.26
CA THR A 152 23.11 29.89 -24.45
C THR A 152 23.82 31.12 -25.00
N GLY A 153 23.06 32.01 -25.63
CA GLY A 153 23.63 33.18 -26.24
C GLY A 153 24.29 32.86 -27.57
N GLN A 154 23.94 31.69 -28.12
CA GLN A 154 24.46 31.28 -29.41
C GLN A 154 23.46 31.67 -30.50
N PRO A 155 23.93 31.76 -31.76
CA PRO A 155 23.00 32.01 -32.86
C PRO A 155 22.04 30.85 -33.08
N ILE A 156 20.85 31.12 -33.56
CA ILE A 156 19.86 30.07 -33.79
C ILE A 156 20.39 29.04 -34.78
N GLU A 157 21.11 29.52 -35.79
CA GLU A 157 21.68 28.64 -36.79
C GLU A 157 22.62 27.62 -36.17
N ARG A 158 23.42 28.05 -35.20
CA ARG A 158 24.38 27.15 -34.56
C ARG A 158 23.64 26.15 -33.67
N ILE A 159 22.57 26.60 -33.02
CA ILE A 159 21.75 25.71 -32.21
C ILE A 159 21.17 24.60 -33.08
N GLU A 160 20.57 24.98 -34.20
CA GLU A 160 20.01 24.01 -35.13
C GLU A 160 21.10 23.09 -35.69
N ALA A 161 22.21 23.68 -36.10
CA ALA A 161 23.32 22.94 -36.67
C ALA A 161 23.84 21.90 -35.70
N ASP A 162 24.06 22.31 -34.46
CA ASP A 162 24.60 21.42 -33.44
C ASP A 162 23.57 20.37 -33.02
N SER A 163 22.30 20.76 -32.98
CA SER A 163 21.24 19.81 -32.67
C SER A 163 21.15 18.71 -33.71
N ASP A 164 21.32 19.07 -34.98
CA ASP A 164 21.23 18.11 -36.07
C ASP A 164 22.25 16.98 -35.90
N ARG A 165 23.48 17.35 -35.56
CA ARG A 165 24.57 16.39 -35.46
C ARG A 165 24.76 15.88 -34.03
N ASP A 166 23.75 16.08 -33.20
CA ASP A 166 23.73 15.54 -31.84
C ASP A 166 25.01 15.87 -31.07
N ARG A 167 25.43 17.13 -31.15
CA ARG A 167 26.62 17.57 -30.44
C ARG A 167 26.45 17.41 -28.94
N TRP A 168 27.51 16.91 -28.28
CA TRP A 168 27.50 16.77 -26.83
C TRP A 168 28.68 17.50 -26.21
N PHE A 169 28.54 17.83 -24.93
CA PHE A 169 29.50 18.66 -24.22
C PHE A 169 29.92 18.06 -22.90
N THR A 170 31.19 18.27 -22.53
CA THR A 170 31.63 18.02 -21.17
C THR A 170 31.21 19.21 -20.33
N ALA A 171 31.50 19.17 -19.04
CA ALA A 171 31.15 20.28 -18.15
C ALA A 171 31.82 21.56 -18.61
N ALA A 172 33.11 21.48 -18.92
CA ALA A 172 33.87 22.63 -19.39
C ALA A 172 33.31 23.16 -20.70
N GLU A 173 33.16 22.26 -21.66
CA GLU A 173 32.61 22.62 -22.97
C GLU A 173 31.23 23.24 -22.85
N ALA A 174 30.44 22.74 -21.89
CA ALA A 174 29.11 23.25 -21.64
C ALA A 174 29.16 24.66 -21.06
N LEU A 175 30.07 24.86 -20.11
CA LEU A 175 30.28 26.18 -19.53
C LEU A 175 30.66 27.19 -20.60
N GLU A 176 31.54 26.77 -21.50
CA GLU A 176 31.99 27.61 -22.59
C GLU A 176 30.84 27.93 -23.55
N TYR A 177 30.08 26.91 -23.90
CA TYR A 177 29.00 27.06 -24.88
C TYR A 177 27.90 27.98 -24.38
N GLY A 178 27.63 27.93 -23.08
CA GLY A 178 26.68 28.84 -22.46
C GLY A 178 25.49 28.15 -21.80
N PHE A 179 25.57 26.83 -21.64
CA PHE A 179 24.50 26.09 -21.00
C PHE A 179 24.42 26.41 -19.51
N VAL A 180 25.59 26.51 -18.88
CA VAL A 180 25.69 26.74 -17.45
C VAL A 180 26.62 27.90 -17.15
N ASP A 181 26.60 28.38 -15.91
CA ASP A 181 27.40 29.53 -15.52
C ASP A 181 28.59 29.13 -14.66
N HIS A 182 28.50 27.97 -14.03
CA HIS A 182 29.54 27.49 -13.13
C HIS A 182 29.72 25.98 -13.23
N ILE A 183 30.92 25.53 -12.87
CA ILE A 183 31.19 24.11 -12.66
C ILE A 183 31.55 23.91 -11.20
N ILE A 184 30.66 23.26 -10.46
CA ILE A 184 30.80 23.14 -9.02
C ILE A 184 31.55 21.85 -8.65
N THR A 185 32.85 21.99 -8.43
CA THR A 185 33.66 20.87 -7.94
C THR A 185 33.36 20.66 -6.47
N ARG A 186 33.77 21.61 -5.64
CA ARG A 186 33.48 21.58 -4.21
C ARG A 186 32.36 22.57 -3.89
N ALA A 187 31.73 22.41 -2.73
CA ALA A 187 30.62 23.26 -2.31
C ALA A 187 31.01 24.07 -1.08
N LEU B 8 0.25 6.55 0.79
CA LEU B 8 0.25 7.58 -0.25
C LEU B 8 1.60 7.63 -0.97
N SER B 9 1.55 7.90 -2.27
CA SER B 9 2.76 8.01 -3.09
C SER B 9 3.21 9.47 -3.15
N LEU B 10 4.39 9.69 -3.73
CA LEU B 10 4.92 11.04 -3.86
C LEU B 10 3.98 11.94 -4.66
N THR B 11 3.54 11.45 -5.80
CA THR B 11 2.64 12.21 -6.66
C THR B 11 1.39 12.65 -5.92
N ASP B 12 0.72 11.68 -5.28
CA ASP B 12 -0.47 11.97 -4.51
C ASP B 12 -0.17 12.92 -3.36
N SER B 13 1.02 12.79 -2.78
CA SER B 13 1.43 13.66 -1.68
C SER B 13 1.57 15.11 -2.14
N VAL B 14 2.21 15.29 -3.30
CA VAL B 14 2.37 16.63 -3.86
C VAL B 14 1.03 17.24 -4.21
N TYR B 15 0.14 16.45 -4.79
CA TYR B 15 -1.19 16.92 -5.15
C TYR B 15 -1.99 17.26 -3.89
N GLU B 16 -1.78 16.49 -2.83
CA GLU B 16 -2.46 16.74 -1.57
C GLU B 16 -1.95 18.03 -0.93
N ARG B 17 -0.64 18.20 -0.89
CA ARG B 17 -0.05 19.43 -0.36
C ARG B 17 -0.48 20.63 -1.21
N LEU B 18 -0.64 20.41 -2.52
CA LEU B 18 -1.15 21.46 -3.40
C LEU B 18 -2.60 21.76 -3.07
N LEU B 19 -3.38 20.73 -2.81
CA LEU B 19 -4.76 20.88 -2.42
C LEU B 19 -4.86 21.77 -1.19
N SER B 20 -3.91 21.61 -0.26
CA SER B 20 -3.86 22.46 0.92
C SER B 20 -3.61 23.91 0.54
N GLU B 21 -2.96 24.14 -0.59
CA GLU B 21 -2.73 25.48 -1.12
C GLU B 21 -3.85 25.89 -2.07
N ARG B 22 -4.93 25.11 -2.07
CA ARG B 22 -6.08 25.38 -2.95
C ARG B 22 -5.69 25.37 -4.41
N ILE B 23 -4.87 24.40 -4.80
CA ILE B 23 -4.45 24.22 -6.18
C ILE B 23 -4.85 22.83 -6.66
N ILE B 24 -5.59 22.78 -7.77
CA ILE B 24 -6.08 21.53 -8.32
C ILE B 24 -5.55 21.31 -9.73
N PHE B 25 -5.40 20.05 -10.12
CA PHE B 25 -4.86 19.70 -11.42
C PHE B 25 -5.84 18.86 -12.23
N LEU B 26 -5.89 19.14 -13.53
CA LEU B 26 -6.60 18.29 -14.48
C LEU B 26 -5.62 17.92 -15.58
N GLY B 27 -4.85 16.86 -15.34
CA GLY B 27 -3.75 16.49 -16.22
C GLY B 27 -3.98 15.20 -17.00
N SER B 28 -5.23 14.78 -17.09
CA SER B 28 -5.57 13.55 -17.80
C SER B 28 -6.92 13.66 -18.48
N GLU B 29 -7.31 12.59 -19.18
CA GLU B 29 -8.56 12.56 -19.91
C GLU B 29 -9.74 12.80 -18.99
N VAL B 30 -10.75 13.51 -19.48
CA VAL B 30 -11.93 13.81 -18.69
C VAL B 30 -12.92 12.65 -18.80
N ASN B 31 -13.20 12.02 -17.67
CA ASN B 31 -14.21 10.96 -17.62
C ASN B 31 -14.98 11.06 -16.31
N ASP B 32 -15.89 10.13 -16.08
CA ASP B 32 -16.73 10.17 -14.89
C ASP B 32 -15.90 10.09 -13.61
N GLU B 33 -14.88 9.25 -13.62
CA GLU B 33 -14.06 9.07 -12.43
C GLU B 33 -13.28 10.34 -12.09
N ILE B 34 -12.52 10.83 -13.07
CA ILE B 34 -11.75 12.06 -12.88
C ILE B 34 -12.68 13.22 -12.53
N ALA B 35 -13.84 13.25 -13.17
CA ALA B 35 -14.83 14.27 -12.89
C ALA B 35 -15.25 14.22 -11.43
N ASN B 36 -15.62 13.03 -10.97
CA ASN B 36 -16.03 12.85 -9.58
C ASN B 36 -14.95 13.31 -8.60
N ARG B 37 -13.71 12.93 -8.88
CA ARG B 37 -12.58 13.34 -8.05
C ARG B 37 -12.41 14.84 -8.05
N LEU B 38 -12.44 15.44 -9.23
CA LEU B 38 -12.27 16.87 -9.37
C LEU B 38 -13.40 17.60 -8.67
N CYS B 39 -14.63 17.15 -8.93
CA CYS B 39 -15.80 17.72 -8.27
C CYS B 39 -15.65 17.63 -6.76
N ALA B 40 -15.19 16.48 -6.29
CA ALA B 40 -14.97 16.26 -4.88
C ALA B 40 -14.00 17.28 -4.29
N GLN B 41 -12.88 17.47 -4.99
CA GLN B 41 -11.87 18.42 -4.55
C GLN B 41 -12.43 19.85 -4.49
N ILE B 42 -13.18 20.24 -5.52
CA ILE B 42 -13.78 21.57 -5.55
C ILE B 42 -14.73 21.73 -4.35
N LEU B 43 -15.58 20.74 -4.13
CA LEU B 43 -16.51 20.77 -3.00
C LEU B 43 -15.76 20.84 -1.68
N LEU B 44 -14.68 20.07 -1.57
CA LEU B 44 -13.87 20.07 -0.36
C LEU B 44 -13.29 21.46 -0.09
N LEU B 45 -12.63 22.04 -1.09
CA LEU B 45 -12.03 23.36 -0.93
C LEU B 45 -13.09 24.40 -0.66
N ALA B 46 -14.25 24.27 -1.31
CA ALA B 46 -15.35 25.20 -1.10
C ALA B 46 -15.84 25.09 0.34
N ALA B 47 -15.85 23.88 0.86
CA ALA B 47 -16.28 23.65 2.24
C ALA B 47 -15.29 24.25 3.23
N GLU B 48 -14.00 24.02 2.98
CA GLU B 48 -12.95 24.51 3.87
C GLU B 48 -12.94 26.03 3.97
N ASP B 49 -12.98 26.70 2.83
CA ASP B 49 -12.99 28.17 2.79
C ASP B 49 -13.65 28.67 1.52
N ALA B 50 -14.76 29.38 1.67
CA ALA B 50 -15.57 29.82 0.53
C ALA B 50 -15.17 31.21 0.05
N SER B 51 -14.20 31.83 0.72
CA SER B 51 -13.79 33.19 0.40
C SER B 51 -12.53 33.22 -0.45
N LYS B 52 -11.70 32.18 -0.33
CA LYS B 52 -10.43 32.12 -1.04
C LYS B 52 -10.58 31.45 -2.40
N ASP B 53 -9.87 31.98 -3.39
CA ASP B 53 -9.91 31.46 -4.75
C ASP B 53 -9.44 30.02 -4.84
N ILE B 54 -9.82 29.36 -5.93
CA ILE B 54 -9.29 28.03 -6.25
C ILE B 54 -8.59 28.12 -7.60
N SER B 55 -7.39 27.54 -7.68
CA SER B 55 -6.61 27.54 -8.91
C SER B 55 -6.63 26.17 -9.58
N LEU B 56 -7.18 26.13 -10.79
CA LEU B 56 -7.26 24.89 -11.56
C LEU B 56 -6.29 24.92 -12.74
N TYR B 57 -5.25 24.10 -12.67
CA TYR B 57 -4.26 24.00 -13.73
C TYR B 57 -4.60 22.85 -14.68
N ILE B 58 -4.68 23.16 -15.97
CA ILE B 58 -5.20 22.22 -16.96
C ILE B 58 -4.15 21.77 -17.98
N ASN B 59 -3.99 20.46 -18.09
CA ASN B 59 -3.19 19.86 -19.14
C ASN B 59 -3.85 18.56 -19.58
N SER B 60 -5.00 18.69 -20.23
CA SER B 60 -5.87 17.56 -20.53
C SER B 60 -6.25 17.49 -22.00
N PRO B 61 -6.30 16.27 -22.57
CA PRO B 61 -6.76 16.12 -23.95
C PRO B 61 -8.27 16.20 -24.08
N GLY B 62 -8.95 16.40 -22.96
CA GLY B 62 -10.40 16.53 -22.96
C GLY B 62 -11.07 15.20 -22.69
N GLY B 63 -12.31 15.07 -23.12
CA GLY B 63 -13.05 13.84 -22.93
C GLY B 63 -14.56 14.01 -23.06
N SER B 64 -15.31 13.25 -22.26
CA SER B 64 -16.76 13.23 -22.35
C SER B 64 -17.37 14.57 -21.94
N ILE B 65 -18.44 14.96 -22.65
CA ILE B 65 -19.12 16.21 -22.38
C ILE B 65 -19.78 16.18 -21.02
N SER B 66 -20.50 15.10 -20.73
CA SER B 66 -21.24 14.96 -19.47
C SER B 66 -20.33 15.16 -18.27
N ALA B 67 -19.16 14.54 -18.32
CA ALA B 67 -18.18 14.67 -17.23
C ALA B 67 -17.74 16.12 -17.06
N GLY B 68 -17.33 16.74 -18.17
CA GLY B 68 -16.90 18.13 -18.13
C GLY B 68 -17.98 19.06 -17.66
N ALA B 70 -20.36 18.24 -15.60
CA ALA B 70 -20.48 17.99 -14.17
C ALA B 70 -19.44 18.82 -13.44
N ILE B 71 -18.21 18.78 -13.94
CA ILE B 71 -17.12 19.60 -13.42
C ILE B 71 -17.50 21.08 -13.49
N TYR B 72 -18.04 21.49 -14.63
CA TYR B 72 -18.44 22.88 -14.82
C TYR B 72 -19.49 23.29 -13.81
N ASP B 73 -20.55 22.50 -13.65
CA ASP B 73 -21.59 22.80 -12.68
C ASP B 73 -21.02 22.93 -11.28
N THR B 74 -20.13 22.02 -10.92
CA THR B 74 -19.51 22.07 -9.61
C THR B 74 -18.64 23.31 -9.45
N VAL B 76 -19.21 26.31 -11.02
CA VAL B 76 -20.16 27.40 -10.85
C VAL B 76 -20.81 27.34 -9.47
N LEU B 77 -21.05 26.12 -9.00
CA LEU B 77 -21.65 25.91 -7.68
C LEU B 77 -20.78 26.48 -6.58
N ALA B 78 -19.47 26.34 -6.72
CA ALA B 78 -18.53 26.85 -5.74
C ALA B 78 -18.64 28.37 -5.66
N PRO B 79 -18.83 28.91 -4.45
CA PRO B 79 -18.97 30.36 -4.31
C PRO B 79 -17.69 31.13 -4.65
N CYS B 80 -16.56 30.57 -4.25
CA CYS B 80 -15.27 31.21 -4.50
C CYS B 80 -14.95 31.27 -5.99
N ASP B 81 -14.09 32.21 -6.37
CA ASP B 81 -13.63 32.32 -7.75
C ASP B 81 -12.72 31.15 -8.10
N ILE B 82 -12.81 30.68 -9.33
CA ILE B 82 -11.96 29.62 -9.82
C ILE B 82 -11.09 30.10 -10.97
N ALA B 83 -9.80 30.26 -10.70
CA ALA B 83 -8.84 30.66 -11.71
C ALA B 83 -8.39 29.45 -12.51
N THR B 84 -8.42 29.56 -13.83
CA THR B 84 -8.03 28.47 -14.71
C THR B 84 -6.72 28.79 -15.42
N TYR B 85 -5.85 27.79 -15.51
CA TYR B 85 -4.55 27.93 -16.15
C TYR B 85 -4.37 26.90 -17.25
N ALA B 86 -4.17 27.36 -18.48
CA ALA B 86 -3.80 26.47 -19.57
C ALA B 86 -2.31 26.15 -19.45
N GLY B 88 -0.41 23.04 -20.38
CA GLY B 88 0.22 22.38 -21.52
C GLY B 88 -0.71 22.24 -22.69
N ALA B 90 -5.11 22.22 -23.62
CA ALA B 90 -6.52 22.29 -23.28
C ALA B 90 -7.35 21.98 -24.51
N ALA B 91 -7.75 20.72 -24.64
CA ALA B 91 -8.49 20.25 -25.80
C ALA B 91 -9.90 19.82 -25.42
N SER B 92 -10.84 20.04 -26.33
CA SER B 92 -12.23 19.67 -26.11
C SER B 92 -12.76 20.28 -24.81
N GLY B 94 -11.21 20.33 -21.94
CA GLY B 94 -10.13 21.03 -21.29
C GLY B 94 -10.22 22.50 -21.64
N GLU B 95 -10.45 22.77 -22.91
CA GLU B 95 -10.65 24.13 -23.40
C GLU B 95 -11.91 24.75 -22.79
N PHE B 96 -12.97 23.96 -22.71
CA PHE B 96 -14.23 24.44 -22.14
C PHE B 96 -14.05 24.85 -20.69
N LEU B 97 -13.47 23.97 -19.89
CA LEU B 97 -13.26 24.25 -18.47
C LEU B 97 -12.29 25.41 -18.29
N LEU B 98 -11.33 25.54 -19.19
CA LEU B 98 -10.41 26.67 -19.17
C LEU B 98 -11.18 27.97 -19.34
N ALA B 99 -11.99 28.04 -20.39
CA ALA B 99 -12.77 29.24 -20.70
C ALA B 99 -13.86 29.46 -19.67
N ALA B 100 -14.23 28.40 -18.95
CA ALA B 100 -15.29 28.50 -17.95
C ALA B 100 -14.79 29.13 -16.66
N GLY B 101 -13.49 29.44 -16.62
CA GLY B 101 -12.90 30.05 -15.45
C GLY B 101 -13.49 31.42 -15.19
N THR B 102 -13.30 31.90 -13.96
CA THR B 102 -13.76 33.24 -13.58
C THR B 102 -13.16 34.29 -14.49
N LYS B 103 -14.02 35.16 -15.03
CA LYS B 103 -13.58 36.19 -15.96
C LYS B 103 -12.51 37.06 -15.31
N GLY B 104 -11.38 37.19 -16.00
CA GLY B 104 -10.26 37.96 -15.48
C GLY B 104 -9.20 37.12 -14.82
N LYS B 105 -9.55 35.87 -14.51
CA LYS B 105 -8.62 34.95 -13.85
C LYS B 105 -8.41 33.69 -14.69
N ARG B 106 -8.56 33.83 -16.01
CA ARG B 106 -8.26 32.75 -16.94
C ARG B 106 -6.90 33.00 -17.57
N TYR B 107 -5.93 32.17 -17.23
CA TYR B 107 -4.55 32.37 -17.67
C TYR B 107 -4.13 31.31 -18.68
N ALA B 108 -3.16 31.65 -19.52
CA ALA B 108 -2.56 30.71 -20.45
C ALA B 108 -1.05 30.80 -20.36
N LEU B 109 -0.39 29.65 -20.35
CA LEU B 109 1.06 29.64 -20.33
C LEU B 109 1.55 29.86 -21.75
N PRO B 110 2.73 30.48 -21.92
CA PRO B 110 3.18 30.96 -23.23
C PRO B 110 3.08 29.94 -24.36
N HIS B 111 3.37 28.69 -24.07
CA HIS B 111 3.42 27.64 -25.09
C HIS B 111 2.30 26.61 -24.91
N ALA B 112 1.25 27.01 -24.22
CA ALA B 112 0.07 26.17 -24.07
C ALA B 112 -0.63 26.08 -25.42
N ARG B 113 -1.43 25.03 -25.60
CA ARG B 113 -2.16 24.84 -26.84
C ARG B 113 -3.63 24.54 -26.55
N ILE B 114 -4.50 25.35 -27.14
CA ILE B 114 -5.93 25.20 -26.96
C ILE B 114 -6.56 24.65 -28.23
N LEU B 115 -7.19 23.49 -28.12
CA LEU B 115 -7.82 22.84 -29.24
C LEU B 115 -9.33 22.84 -29.09
N HIS B 117 -12.78 21.07 -30.49
CA HIS B 117 -13.13 19.79 -31.07
C HIS B 117 -14.57 19.45 -30.72
N GLN B 118 -15.32 18.99 -31.71
CA GLN B 118 -16.70 18.59 -31.52
C GLN B 118 -16.76 17.13 -31.11
N PRO B 119 -17.07 16.85 -29.82
CA PRO B 119 -17.06 15.43 -29.43
C PRO B 119 -18.17 14.64 -30.14
N LEU B 120 -17.96 13.34 -30.31
CA LEU B 120 -18.95 12.49 -30.97
C LEU B 120 -19.71 11.61 -29.98
N GLY B 121 -19.33 11.68 -28.71
CA GLY B 121 -20.00 10.92 -27.67
C GLY B 121 -19.95 9.42 -27.91
N ALA B 128 -28.20 1.62 -21.68
CA ALA B 128 -29.34 2.47 -21.99
C ALA B 128 -29.71 2.37 -23.47
N ASP B 129 -30.85 2.95 -23.83
CA ASP B 129 -31.28 2.96 -25.22
C ASP B 129 -30.46 3.97 -26.03
N ILE B 130 -30.05 3.59 -27.23
CA ILE B 130 -29.20 4.46 -28.05
C ILE B 130 -29.90 5.76 -28.42
N ALA B 131 -31.20 5.69 -28.67
CA ALA B 131 -31.97 6.88 -29.03
C ALA B 131 -31.92 7.87 -27.88
N ILE B 132 -32.12 7.36 -26.67
CA ILE B 132 -32.08 8.19 -25.47
C ILE B 132 -30.70 8.84 -25.34
N GLN B 133 -29.65 8.05 -25.49
CA GLN B 133 -28.29 8.58 -25.44
C GLN B 133 -28.08 9.68 -26.46
N ALA B 134 -28.58 9.46 -27.67
CA ALA B 134 -28.49 10.46 -28.74
C ALA B 134 -29.19 11.75 -28.35
N GLU B 135 -30.41 11.63 -27.82
CA GLU B 135 -31.18 12.78 -27.37
C GLU B 135 -30.39 13.60 -26.36
N GLN B 136 -29.98 12.93 -25.29
CA GLN B 136 -29.21 13.58 -24.22
C GLN B 136 -27.96 14.26 -24.77
N PHE B 137 -27.24 13.55 -25.63
CA PHE B 137 -26.01 14.07 -26.21
C PHE B 137 -26.29 15.33 -27.02
N ALA B 138 -27.35 15.30 -27.81
CA ALA B 138 -27.75 16.44 -28.62
C ALA B 138 -27.98 17.67 -27.74
N VAL B 139 -28.77 17.49 -26.68
CA VAL B 139 -29.07 18.56 -25.74
C VAL B 139 -27.80 19.16 -25.12
N ILE B 140 -26.99 18.31 -24.50
CA ILE B 140 -25.83 18.75 -23.77
C ILE B 140 -24.78 19.35 -24.73
N LYS B 141 -24.70 18.81 -25.94
CA LYS B 141 -23.82 19.35 -26.96
C LYS B 141 -24.17 20.79 -27.31
N LYS B 142 -25.44 21.01 -27.66
CA LYS B 142 -25.93 22.35 -27.98
C LYS B 142 -25.61 23.31 -26.84
N GLU B 143 -25.85 22.85 -25.62
CA GLU B 143 -25.58 23.64 -24.43
C GLU B 143 -24.10 23.99 -24.30
N PHE B 145 -21.90 24.31 -26.76
CA PHE B 145 -21.65 25.35 -27.76
C PHE B 145 -22.13 26.71 -27.26
N ARG B 146 -23.33 26.73 -26.69
CA ARG B 146 -23.90 27.96 -26.14
C ARG B 146 -22.97 28.56 -25.10
N LEU B 147 -22.62 27.77 -24.09
CA LEU B 147 -21.77 28.22 -23.01
C LEU B 147 -20.38 28.61 -23.49
N ASN B 148 -19.86 27.86 -24.46
CA ASN B 148 -18.55 28.17 -25.04
C ASN B 148 -18.57 29.53 -25.71
N ALA B 149 -19.61 29.77 -26.50
CA ALA B 149 -19.83 31.05 -27.13
C ALA B 149 -19.89 32.16 -26.10
N GLU B 150 -20.61 31.90 -25.01
CA GLU B 150 -20.74 32.86 -23.93
C GLU B 150 -19.40 33.17 -23.27
N PHE B 151 -18.61 32.13 -23.00
CA PHE B 151 -17.31 32.29 -22.36
C PHE B 151 -16.37 33.12 -23.21
N THR B 152 -16.27 32.76 -24.49
CA THR B 152 -15.33 33.39 -25.41
C THR B 152 -15.85 34.70 -25.99
N GLY B 153 -17.17 34.87 -25.96
CA GLY B 153 -17.79 36.06 -26.53
C GLY B 153 -17.88 35.99 -28.04
N GLN B 154 -17.74 34.78 -28.59
CA GLN B 154 -17.86 34.55 -30.02
C GLN B 154 -19.28 34.12 -30.37
N PRO B 155 -19.68 34.28 -31.63
CA PRO B 155 -20.99 33.77 -32.05
C PRO B 155 -21.05 32.25 -31.99
N ILE B 156 -22.23 31.69 -31.73
CA ILE B 156 -22.38 30.24 -31.67
C ILE B 156 -22.00 29.64 -33.02
N GLU B 157 -22.33 30.34 -34.10
CA GLU B 157 -22.01 29.88 -35.45
C GLU B 157 -20.51 29.68 -35.58
N ARG B 158 -19.75 30.60 -35.01
CA ARG B 158 -18.28 30.54 -35.05
C ARG B 158 -17.73 29.43 -34.18
N ILE B 159 -18.35 29.21 -33.03
CA ILE B 159 -17.96 28.13 -32.14
C ILE B 159 -18.14 26.79 -32.84
N GLU B 160 -19.32 26.60 -33.42
CA GLU B 160 -19.63 25.37 -34.13
C GLU B 160 -18.71 25.18 -35.34
N ALA B 161 -18.55 26.24 -36.13
CA ALA B 161 -17.72 26.19 -37.32
C ALA B 161 -16.28 25.82 -37.00
N ASP B 162 -15.71 26.48 -36.00
CA ASP B 162 -14.33 26.22 -35.61
C ASP B 162 -14.18 24.85 -34.97
N SER B 163 -15.18 24.45 -34.19
CA SER B 163 -15.17 23.13 -33.57
C SER B 163 -15.16 22.03 -34.62
N ASP B 164 -15.94 22.25 -35.69
CA ASP B 164 -16.05 21.27 -36.76
C ASP B 164 -14.72 20.95 -37.42
N ARG B 165 -13.95 22.00 -37.70
CA ARG B 165 -12.68 21.85 -38.42
C ARG B 165 -11.48 21.74 -37.49
N ASP B 166 -11.75 21.42 -36.22
CA ASP B 166 -10.70 21.17 -35.24
C ASP B 166 -9.67 22.28 -35.19
N ARG B 167 -10.15 23.52 -35.17
CA ARG B 167 -9.27 24.68 -35.07
C ARG B 167 -8.50 24.65 -33.75
N TRP B 168 -7.22 24.97 -33.80
CA TRP B 168 -6.41 25.05 -32.59
C TRP B 168 -5.75 26.42 -32.47
N PHE B 169 -5.39 26.78 -31.24
CA PHE B 169 -4.88 28.11 -30.94
C PHE B 169 -3.57 28.04 -30.17
N THR B 170 -2.70 29.01 -30.43
CA THR B 170 -1.55 29.25 -29.57
C THR B 170 -2.04 30.07 -28.39
N ALA B 171 -1.15 30.36 -27.45
CA ALA B 171 -1.53 31.17 -26.29
C ALA B 171 -2.05 32.52 -26.75
N ALA B 172 -1.34 33.13 -27.69
CA ALA B 172 -1.72 34.43 -28.23
C ALA B 172 -3.07 34.36 -28.94
N GLU B 173 -3.18 33.40 -29.86
CA GLU B 173 -4.41 33.22 -30.61
C GLU B 173 -5.58 32.95 -29.67
N ALA B 174 -5.30 32.24 -28.58
CA ALA B 174 -6.33 31.94 -27.59
C ALA B 174 -6.75 33.20 -26.84
N LEU B 175 -5.77 34.02 -26.47
CA LEU B 175 -6.04 35.29 -25.80
C LEU B 175 -6.92 36.17 -26.68
N GLU B 176 -6.61 36.19 -27.97
CA GLU B 176 -7.37 36.98 -28.93
C GLU B 176 -8.79 36.44 -29.08
N TYR B 177 -8.91 35.11 -29.19
CA TYR B 177 -10.19 34.47 -29.43
C TYR B 177 -11.15 34.65 -28.27
N GLY B 178 -10.61 34.63 -27.05
CA GLY B 178 -11.39 34.90 -25.85
C GLY B 178 -11.41 33.76 -24.85
N PHE B 179 -10.56 32.77 -25.04
CA PHE B 179 -10.50 31.64 -24.10
C PHE B 179 -9.92 32.07 -22.77
N VAL B 180 -8.90 32.92 -22.82
CA VAL B 180 -8.21 33.35 -21.62
C VAL B 180 -8.09 34.87 -21.56
N ASP B 181 -7.72 35.37 -20.39
CA ASP B 181 -7.60 36.80 -20.17
C ASP B 181 -6.14 37.22 -20.08
N HIS B 182 -5.25 36.29 -19.77
CA HIS B 182 -3.83 36.60 -19.58
C HIS B 182 -2.92 35.56 -20.20
N ILE B 183 -1.72 36.00 -20.56
CA ILE B 183 -0.62 35.12 -20.95
C ILE B 183 0.55 35.34 -20.00
N ILE B 184 0.94 34.30 -19.26
CA ILE B 184 1.93 34.45 -18.22
C ILE B 184 3.34 34.30 -18.80
N THR B 185 3.80 35.38 -19.42
CA THR B 185 5.13 35.44 -20.02
C THR B 185 6.24 35.65 -19.00
N ARG B 186 5.88 36.22 -17.86
CA ARG B 186 6.88 36.56 -16.84
C ARG B 186 6.34 36.53 -15.40
N ALA B 187 6.96 35.69 -14.58
CA ALA B 187 6.91 35.83 -13.12
C ALA B 187 5.54 36.17 -12.55
N HIS B 188 4.54 35.36 -12.90
CA HIS B 188 3.15 35.49 -12.45
C HIS B 188 2.93 36.36 -11.21
N LEU C 8 -3.05 5.19 2.09
CA LEU C 8 -4.20 5.97 1.64
C LEU C 8 -3.87 6.69 0.34
N SER C 9 -4.84 6.72 -0.58
CA SER C 9 -4.66 7.40 -1.86
C SER C 9 -5.22 8.81 -1.83
N LEU C 10 -4.94 9.58 -2.87
CA LEU C 10 -5.44 10.95 -2.98
C LEU C 10 -6.97 10.93 -2.99
N THR C 11 -7.53 10.08 -3.85
CA THR C 11 -8.97 9.96 -3.99
C THR C 11 -9.63 9.61 -2.66
N ASP C 12 -9.13 8.59 -1.99
CA ASP C 12 -9.66 8.20 -0.69
C ASP C 12 -9.46 9.31 0.34
N SER C 13 -8.35 10.04 0.22
CA SER C 13 -8.05 11.12 1.14
C SER C 13 -9.06 12.27 1.05
N VAL C 14 -9.37 12.70 -0.16
CA VAL C 14 -10.35 13.77 -0.34
C VAL C 14 -11.73 13.29 0.11
N TYR C 15 -12.07 12.05 -0.21
CA TYR C 15 -13.36 11.49 0.19
C TYR C 15 -13.46 11.39 1.71
N GLU C 16 -12.35 11.07 2.37
CA GLU C 16 -12.32 11.03 3.83
C GLU C 16 -12.44 12.44 4.41
N ARG C 17 -11.67 13.36 3.88
CA ARG C 17 -11.74 14.76 4.31
C ARG C 17 -13.13 15.32 4.06
N LEU C 18 -13.77 14.87 2.98
CA LEU C 18 -15.15 15.23 2.71
C LEU C 18 -16.08 14.59 3.73
N LEU C 19 -15.79 13.33 4.07
CA LEU C 19 -16.57 12.61 5.08
C LEU C 19 -16.54 13.39 6.39
N SER C 20 -15.39 13.97 6.70
CA SER C 20 -15.25 14.81 7.89
C SER C 20 -16.14 16.04 7.80
N GLU C 21 -16.42 16.47 6.56
CA GLU C 21 -17.32 17.59 6.33
C GLU C 21 -18.76 17.11 6.15
N ARG C 22 -19.00 15.84 6.49
CA ARG C 22 -20.32 15.23 6.35
C ARG C 22 -20.83 15.29 4.92
N ILE C 23 -19.93 15.01 3.98
CA ILE C 23 -20.27 14.94 2.56
C ILE C 23 -19.93 13.55 2.03
N ILE C 24 -20.92 12.91 1.42
CA ILE C 24 -20.79 11.55 0.90
C ILE C 24 -21.05 11.53 -0.60
N PHE C 25 -20.43 10.59 -1.29
CA PHE C 25 -20.54 10.48 -2.74
C PHE C 25 -21.09 9.14 -3.19
N LEU C 26 -21.93 9.18 -4.23
CA LEU C 26 -22.36 7.98 -4.94
C LEU C 26 -22.04 8.18 -6.41
N GLY C 27 -20.81 7.87 -6.80
CA GLY C 27 -20.32 8.18 -8.13
C GLY C 27 -20.12 6.96 -9.02
N SER C 28 -20.74 5.84 -8.65
CA SER C 28 -20.61 4.62 -9.44
C SER C 28 -21.89 3.80 -9.39
N GLU C 29 -21.89 2.69 -10.12
CA GLU C 29 -23.06 1.81 -10.19
C GLU C 29 -23.38 1.26 -8.80
N VAL C 30 -24.66 1.11 -8.50
CA VAL C 30 -25.09 0.63 -7.19
C VAL C 30 -25.09 -0.89 -7.07
N ASN C 31 -24.28 -1.40 -6.14
CA ASN C 31 -24.23 -2.83 -5.84
C ASN C 31 -24.08 -3.07 -4.35
N ASP C 32 -23.96 -4.33 -3.96
CA ASP C 32 -23.87 -4.69 -2.55
C ASP C 32 -22.66 -4.05 -1.86
N GLU C 33 -21.52 -4.02 -2.55
CA GLU C 33 -20.31 -3.46 -1.97
C GLU C 33 -20.44 -1.97 -1.71
N ILE C 34 -20.78 -1.23 -2.75
CA ILE C 34 -20.98 0.21 -2.63
C ILE C 34 -22.10 0.52 -1.64
N ALA C 35 -23.15 -0.30 -1.65
CA ALA C 35 -24.24 -0.13 -0.70
C ALA C 35 -23.72 -0.24 0.73
N ASN C 36 -23.00 -1.33 1.02
CA ASN C 36 -22.42 -1.54 2.34
C ASN C 36 -21.53 -0.38 2.76
N ARG C 37 -20.69 0.09 1.85
CA ARG C 37 -19.81 1.22 2.13
C ARG C 37 -20.61 2.47 2.43
N LEU C 38 -21.61 2.74 1.60
CA LEU C 38 -22.44 3.93 1.77
C LEU C 38 -23.21 3.86 3.07
N CYS C 39 -23.82 2.71 3.34
CA CYS C 39 -24.53 2.50 4.59
C CYS C 39 -23.61 2.73 5.78
N ALA C 40 -22.39 2.21 5.69
CA ALA C 40 -21.39 2.37 6.73
C ALA C 40 -21.10 3.84 6.98
N GLN C 41 -20.90 4.59 5.90
CA GLN C 41 -20.62 6.03 6.00
C GLN C 41 -21.77 6.78 6.64
N ILE C 42 -22.99 6.47 6.22
CA ILE C 42 -24.18 7.10 6.80
C ILE C 42 -24.28 6.81 8.29
N LEU C 43 -24.13 5.54 8.67
CA LEU C 43 -24.17 5.15 10.07
C LEU C 43 -23.08 5.85 10.87
N LEU C 44 -21.89 5.92 10.28
CA LEU C 44 -20.77 6.58 10.93
C LEU C 44 -21.09 8.03 11.23
N LEU C 45 -21.53 8.76 10.21
CA LEU C 45 -21.86 10.17 10.38
C LEU C 45 -23.02 10.35 11.35
N ALA C 46 -23.99 9.45 11.29
CA ALA C 46 -25.13 9.49 12.20
C ALA C 46 -24.67 9.27 13.63
N ALA C 47 -23.70 8.38 13.79
CA ALA C 47 -23.13 8.08 15.10
C ALA C 47 -22.35 9.28 15.63
N GLU C 48 -21.55 9.89 14.77
CA GLU C 48 -20.73 11.03 15.15
C GLU C 48 -21.58 12.22 15.60
N ASP C 49 -22.59 12.55 14.79
CA ASP C 49 -23.47 13.67 15.09
C ASP C 49 -24.83 13.45 14.46
N ALA C 50 -25.86 13.34 15.29
CA ALA C 50 -27.20 13.03 14.83
C ALA C 50 -28.04 14.27 14.53
N SER C 51 -27.46 15.45 14.79
CA SER C 51 -28.18 16.71 14.61
C SER C 51 -27.83 17.43 13.31
N LYS C 52 -26.63 17.17 12.80
CA LYS C 52 -26.15 17.86 11.60
C LYS C 52 -26.51 17.10 10.33
N ASP C 53 -26.86 17.85 9.28
CA ASP C 53 -27.25 17.26 8.01
C ASP C 53 -26.16 16.42 7.38
N ILE C 54 -26.56 15.55 6.47
CA ILE C 54 -25.63 14.79 5.63
C ILE C 54 -25.89 15.15 4.18
N SER C 55 -24.83 15.42 3.44
CA SER C 55 -24.95 15.77 2.02
C SER C 55 -24.50 14.61 1.15
N LEU C 56 -25.43 14.09 0.36
CA LEU C 56 -25.17 12.98 -0.55
C LEU C 56 -25.17 13.46 -2.00
N TYR C 57 -23.99 13.45 -2.62
CA TYR C 57 -23.87 13.85 -4.01
C TYR C 57 -23.91 12.64 -4.93
N ILE C 58 -24.80 12.68 -5.91
CA ILE C 58 -25.10 11.51 -6.72
C ILE C 58 -24.70 11.70 -8.18
N ASN C 59 -23.89 10.78 -8.67
CA ASN C 59 -23.54 10.70 -10.07
C ASN C 59 -23.40 9.23 -10.45
N SER C 60 -24.54 8.53 -10.46
CA SER C 60 -24.55 7.08 -10.58
C SER C 60 -25.49 6.61 -11.68
N PRO C 61 -25.08 5.57 -12.44
CA PRO C 61 -25.94 4.97 -13.45
C PRO C 61 -27.01 4.05 -12.87
N GLY C 62 -27.04 3.93 -11.55
CA GLY C 62 -28.01 3.11 -10.87
C GLY C 62 -27.49 1.71 -10.61
N GLY C 63 -28.39 0.76 -10.44
CA GLY C 63 -27.99 -0.62 -10.19
C GLY C 63 -29.07 -1.46 -9.55
N SER C 64 -28.64 -2.35 -8.66
CA SER C 64 -29.53 -3.30 -8.01
C SER C 64 -30.54 -2.62 -7.10
N ILE C 65 -31.78 -3.12 -7.11
CA ILE C 65 -32.82 -2.56 -6.28
C ILE C 65 -32.52 -2.86 -4.81
N SER C 66 -32.17 -4.11 -4.52
CA SER C 66 -31.90 -4.54 -3.16
C SER C 66 -30.84 -3.68 -2.50
N ALA C 67 -29.77 -3.41 -3.24
CA ALA C 67 -28.69 -2.57 -2.75
C ALA C 67 -29.18 -1.17 -2.44
N GLY C 68 -29.88 -0.58 -3.40
CA GLY C 68 -30.44 0.75 -3.22
C GLY C 68 -31.39 0.84 -2.05
N ALA C 70 -31.37 -1.02 0.62
CA ALA C 70 -30.56 -1.07 1.82
C ALA C 70 -30.04 0.33 2.15
N ILE C 71 -29.52 1.01 1.14
CA ILE C 71 -29.07 2.38 1.30
C ILE C 71 -30.22 3.25 1.80
N TYR C 72 -31.38 3.12 1.16
CA TYR C 72 -32.54 3.93 1.52
C TYR C 72 -32.91 3.71 2.99
N ASP C 73 -33.04 2.46 3.40
CA ASP C 73 -33.36 2.16 4.79
C ASP C 73 -32.36 2.81 5.74
N THR C 74 -31.09 2.74 5.39
CA THR C 74 -30.04 3.35 6.20
C THR C 74 -30.17 4.87 6.20
N VAL C 76 -33.12 6.59 5.86
CA VAL C 76 -34.26 6.86 6.72
C VAL C 76 -33.90 6.59 8.17
N LEU C 77 -33.08 5.57 8.41
CA LEU C 77 -32.65 5.23 9.75
C LEU C 77 -31.91 6.39 10.41
N ALA C 78 -31.09 7.08 9.63
CA ALA C 78 -30.33 8.20 10.16
C ALA C 78 -31.27 9.30 10.63
N PRO C 79 -31.11 9.75 11.88
CA PRO C 79 -31.99 10.80 12.41
C PRO C 79 -31.82 12.14 11.70
N CYS C 80 -30.59 12.48 11.38
CA CYS C 80 -30.29 13.75 10.73
C CYS C 80 -30.89 13.78 9.32
N ASP C 81 -31.12 15.00 8.82
CA ASP C 81 -31.59 15.17 7.45
C ASP C 81 -30.50 14.80 6.47
N ILE C 82 -30.89 14.23 5.34
CA ILE C 82 -29.96 13.89 4.27
C ILE C 82 -30.32 14.67 3.01
N ALA C 83 -29.48 15.65 2.68
CA ALA C 83 -29.67 16.42 1.46
C ALA C 83 -29.04 15.70 0.28
N THR C 84 -29.80 15.57 -0.80
CA THR C 84 -29.32 14.87 -1.99
C THR C 84 -29.08 15.86 -3.13
N TYR C 85 -27.99 15.65 -3.85
CA TYR C 85 -27.63 16.50 -4.98
C TYR C 85 -27.43 15.66 -6.24
N ALA C 86 -28.23 15.93 -7.26
CA ALA C 86 -28.01 15.32 -8.57
C ALA C 86 -26.88 16.04 -9.29
N GLY C 88 -24.27 14.77 -11.67
CA GLY C 88 -24.04 14.49 -13.07
C GLY C 88 -25.18 13.71 -13.67
N ALA C 90 -28.40 10.77 -12.47
CA ALA C 90 -29.12 9.96 -11.51
C ALA C 90 -30.06 9.02 -12.27
N ALA C 91 -29.61 7.79 -12.47
CA ALA C 91 -30.36 6.79 -13.23
C ALA C 91 -30.81 5.64 -12.33
N SER C 92 -31.99 5.09 -12.62
CA SER C 92 -32.54 3.97 -11.87
C SER C 92 -32.54 4.27 -10.37
N GLY C 94 -30.11 5.64 -8.67
CA GLY C 94 -29.54 6.96 -8.44
C GLY C 94 -30.67 7.97 -8.34
N GLU C 95 -31.63 7.85 -9.25
CA GLU C 95 -32.82 8.68 -9.25
C GLU C 95 -33.65 8.44 -7.99
N PHE C 96 -33.78 7.17 -7.62
CA PHE C 96 -34.56 6.79 -6.46
C PHE C 96 -33.97 7.41 -5.20
N LEU C 97 -32.67 7.21 -5.01
CA LEU C 97 -31.98 7.73 -3.83
C LEU C 97 -31.97 9.25 -3.82
N LEU C 98 -31.91 9.85 -5.00
CA LEU C 98 -32.00 11.30 -5.13
C LEU C 98 -33.33 11.79 -4.57
N ALA C 99 -34.42 11.20 -5.07
CA ALA C 99 -35.76 11.58 -4.66
C ALA C 99 -36.04 11.18 -3.21
N ALA C 100 -35.26 10.24 -2.70
CA ALA C 100 -35.45 9.76 -1.34
C ALA C 100 -34.86 10.71 -0.31
N GLY C 101 -34.22 11.77 -0.77
CA GLY C 101 -33.63 12.74 0.13
C GLY C 101 -34.69 13.46 0.94
N THR C 102 -34.27 14.09 2.02
CA THR C 102 -35.19 14.88 2.86
C THR C 102 -35.85 15.95 2.01
N LYS C 103 -37.18 15.98 2.05
CA LYS C 103 -37.94 16.92 1.24
C LYS C 103 -37.57 18.36 1.57
N GLY C 104 -37.26 19.13 0.53
CA GLY C 104 -36.83 20.51 0.66
C GLY C 104 -35.33 20.64 0.55
N LYS C 105 -34.63 19.51 0.67
CA LYS C 105 -33.18 19.48 0.57
C LYS C 105 -32.73 18.53 -0.54
N ARG C 106 -33.57 18.35 -1.55
CA ARG C 106 -33.22 17.60 -2.74
C ARG C 106 -32.87 18.56 -3.86
N TYR C 107 -31.59 18.61 -4.22
CA TYR C 107 -31.08 19.56 -5.19
C TYR C 107 -30.65 18.90 -6.49
N ALA C 108 -30.69 19.67 -7.57
CA ALA C 108 -30.17 19.23 -8.85
C ALA C 108 -29.30 20.33 -9.44
N LEU C 109 -28.14 19.95 -9.99
CA LEU C 109 -27.30 20.91 -10.67
C LEU C 109 -27.83 21.14 -12.09
N PRO C 110 -27.60 22.34 -12.64
CA PRO C 110 -28.25 22.81 -13.87
C PRO C 110 -28.26 21.83 -15.04
N HIS C 111 -27.18 21.06 -15.21
CA HIS C 111 -27.06 20.16 -16.34
C HIS C 111 -27.09 18.69 -15.92
N ALA C 112 -27.63 18.45 -14.73
CA ALA C 112 -27.82 17.08 -14.27
C ALA C 112 -28.91 16.42 -15.09
N ARG C 113 -28.89 15.09 -15.12
CA ARG C 113 -29.88 14.32 -15.88
C ARG C 113 -30.45 13.21 -15.03
N ILE C 114 -31.79 13.17 -14.94
CA ILE C 114 -32.47 12.13 -14.17
C ILE C 114 -33.14 11.15 -15.12
N LEU C 115 -32.73 9.89 -15.02
CA LEU C 115 -33.26 8.81 -15.85
C LEU C 115 -34.08 7.85 -15.03
N HIS C 117 -35.97 4.07 -14.94
CA HIS C 117 -35.75 2.77 -15.55
C HIS C 117 -36.15 1.66 -14.58
N GLN C 118 -36.88 0.68 -15.09
CA GLN C 118 -37.27 -0.48 -14.28
C GLN C 118 -36.21 -1.57 -14.41
N PRO C 119 -35.46 -1.83 -13.33
CA PRO C 119 -34.38 -2.83 -13.42
C PRO C 119 -34.90 -4.22 -13.75
N LEU C 120 -34.01 -5.06 -14.28
CA LEU C 120 -34.37 -6.41 -14.70
C LEU C 120 -33.98 -7.45 -13.65
N GLY C 121 -33.32 -6.99 -12.59
CA GLY C 121 -32.90 -7.85 -11.51
C GLY C 121 -31.97 -8.94 -11.97
N GLY C 122 -32.37 -10.19 -11.75
CA GLY C 122 -31.62 -11.34 -12.21
C GLY C 122 -30.98 -12.09 -11.05
N ALA C 127 -26.99 -17.88 -4.44
CA ALA C 127 -27.13 -19.29 -4.09
C ALA C 127 -28.54 -19.60 -3.58
N ALA C 128 -29.52 -19.51 -4.46
CA ALA C 128 -30.91 -19.72 -4.07
C ALA C 128 -31.76 -20.16 -5.27
N ASP C 129 -33.00 -20.56 -4.98
CA ASP C 129 -33.93 -20.97 -6.01
C ASP C 129 -34.41 -19.76 -6.81
N ILE C 130 -34.49 -19.91 -8.12
CA ILE C 130 -34.86 -18.81 -9.00
C ILE C 130 -36.26 -18.30 -8.68
N ALA C 131 -37.15 -19.20 -8.30
CA ALA C 131 -38.52 -18.82 -7.98
C ALA C 131 -38.57 -17.86 -6.81
N ILE C 132 -37.79 -18.17 -5.78
CA ILE C 132 -37.71 -17.32 -4.60
C ILE C 132 -37.17 -15.95 -4.95
N GLN C 133 -36.07 -15.92 -5.70
CA GLN C 133 -35.49 -14.66 -6.14
C GLN C 133 -36.49 -13.84 -6.92
N ALA C 134 -37.26 -14.50 -7.79
CA ALA C 134 -38.30 -13.83 -8.54
C ALA C 134 -39.35 -13.21 -7.61
N GLU C 135 -39.80 -13.98 -6.64
CA GLU C 135 -40.77 -13.49 -5.65
C GLU C 135 -40.25 -12.23 -4.96
N GLN C 136 -39.07 -12.33 -4.35
CA GLN C 136 -38.47 -11.19 -3.67
C GLN C 136 -38.37 -9.97 -4.57
N PHE C 137 -37.88 -10.17 -5.79
CA PHE C 137 -37.70 -9.08 -6.72
C PHE C 137 -39.02 -8.39 -7.01
N ALA C 138 -40.05 -9.19 -7.22
CA ALA C 138 -41.39 -8.66 -7.48
C ALA C 138 -41.82 -7.74 -6.34
N VAL C 139 -41.67 -8.22 -5.11
CA VAL C 139 -42.02 -7.43 -3.93
C VAL C 139 -41.27 -6.11 -3.87
N ILE C 140 -39.94 -6.15 -3.90
CA ILE C 140 -39.14 -4.95 -3.75
C ILE C 140 -39.35 -3.99 -4.93
N LYS C 141 -39.57 -4.54 -6.11
CA LYS C 141 -39.86 -3.72 -7.29
C LYS C 141 -41.15 -2.93 -7.09
N LYS C 142 -42.22 -3.63 -6.73
CA LYS C 142 -43.49 -2.99 -6.47
C LYS C 142 -43.32 -1.91 -5.42
N GLU C 143 -42.58 -2.24 -4.37
CA GLU C 143 -42.29 -1.30 -3.29
C GLU C 143 -41.51 -0.09 -3.79
N PHE C 145 -41.51 1.23 -6.83
CA PHE C 145 -42.47 2.05 -7.55
C PHE C 145 -43.33 2.85 -6.57
N ARG C 146 -43.82 2.18 -5.52
CA ARG C 146 -44.64 2.86 -4.51
C ARG C 146 -43.90 4.06 -3.92
N LEU C 147 -42.71 3.80 -3.41
CA LEU C 147 -41.91 4.84 -2.77
C LEU C 147 -41.54 5.93 -3.77
N ASN C 148 -41.28 5.54 -5.01
CA ASN C 148 -40.95 6.50 -6.05
C ASN C 148 -42.12 7.44 -6.27
N ALA C 149 -43.32 6.87 -6.37
CA ALA C 149 -44.54 7.64 -6.49
C ALA C 149 -44.70 8.58 -5.30
N GLU C 150 -44.41 8.07 -4.11
CA GLU C 150 -44.49 8.86 -2.88
C GLU C 150 -43.52 10.03 -2.89
N PHE C 151 -42.29 9.77 -3.31
CA PHE C 151 -41.25 10.80 -3.34
C PHE C 151 -41.64 11.91 -4.31
N THR C 152 -42.02 11.53 -5.52
CA THR C 152 -42.31 12.48 -6.59
C THR C 152 -43.71 13.06 -6.49
N GLY C 153 -44.61 12.37 -5.81
CA GLY C 153 -45.99 12.81 -5.72
C GLY C 153 -46.77 12.52 -6.99
N GLN C 154 -46.24 11.62 -7.80
CA GLN C 154 -46.89 11.19 -9.03
C GLN C 154 -47.70 9.92 -8.78
N PRO C 155 -48.68 9.64 -9.64
CA PRO C 155 -49.42 8.38 -9.52
C PRO C 155 -48.53 7.16 -9.77
N ILE C 156 -48.86 6.04 -9.15
CA ILE C 156 -48.08 4.82 -9.32
C ILE C 156 -48.06 4.43 -10.79
N GLU C 157 -49.21 4.61 -11.44
CA GLU C 157 -49.37 4.27 -12.85
C GLU C 157 -48.39 5.04 -13.73
N ARG C 158 -48.20 6.32 -13.42
CA ARG C 158 -47.31 7.16 -14.21
C ARG C 158 -45.86 6.79 -13.99
N ILE C 159 -45.52 6.44 -12.76
CA ILE C 159 -44.16 6.00 -12.43
C ILE C 159 -43.81 4.74 -13.23
N GLU C 160 -44.69 3.75 -13.19
CA GLU C 160 -44.47 2.53 -13.94
C GLU C 160 -44.41 2.82 -15.44
N ALA C 161 -45.37 3.61 -15.92
CA ALA C 161 -45.46 3.93 -17.33
C ALA C 161 -44.18 4.61 -17.83
N ASP C 162 -43.72 5.62 -17.10
CA ASP C 162 -42.52 6.34 -17.49
C ASP C 162 -41.27 5.51 -17.30
N SER C 163 -41.26 4.69 -16.24
CA SER C 163 -40.14 3.80 -15.98
C SER C 163 -40.01 2.80 -17.13
N ASP C 164 -41.15 2.34 -17.61
CA ASP C 164 -41.20 1.34 -18.68
C ASP C 164 -40.51 1.84 -19.94
N ARG C 165 -40.78 3.09 -20.31
CA ARG C 165 -40.26 3.66 -21.55
C ARG C 165 -38.98 4.46 -21.34
N ASP C 166 -38.32 4.23 -20.21
CA ASP C 166 -37.02 4.84 -19.92
C ASP C 166 -37.02 6.35 -20.10
N ARG C 167 -38.06 7.00 -19.58
CA ARG C 167 -38.16 8.46 -19.64
C ARG C 167 -37.01 9.10 -18.88
N TRP C 168 -36.45 10.16 -19.46
CA TRP C 168 -35.38 10.90 -18.79
C TRP C 168 -35.75 12.38 -18.69
N PHE C 169 -35.13 13.07 -17.73
CA PHE C 169 -35.47 14.44 -17.41
C PHE C 169 -34.24 15.34 -17.37
N THR C 170 -34.43 16.59 -17.77
CA THR C 170 -33.44 17.62 -17.51
C THR C 170 -33.63 18.10 -16.08
N ALA C 171 -32.78 19.01 -15.63
CA ALA C 171 -32.89 19.53 -14.28
C ALA C 171 -34.25 20.18 -14.06
N ALA C 172 -34.67 20.99 -15.03
CA ALA C 172 -35.96 21.66 -14.96
C ALA C 172 -37.10 20.66 -14.95
N GLU C 173 -37.09 19.75 -15.92
CA GLU C 173 -38.11 18.72 -16.04
C GLU C 173 -38.19 17.87 -14.78
N ALA C 174 -37.05 17.63 -14.17
CA ALA C 174 -36.98 16.84 -12.94
C ALA C 174 -37.64 17.59 -11.78
N LEU C 175 -37.34 18.88 -11.67
CA LEU C 175 -37.95 19.73 -10.65
C LEU C 175 -39.47 19.71 -10.77
N GLU C 176 -39.95 19.81 -12.00
CA GLU C 176 -41.38 19.80 -12.28
C GLU C 176 -42.01 18.46 -11.90
N TYR C 177 -41.36 17.37 -12.29
CA TYR C 177 -41.89 16.03 -12.08
C TYR C 177 -41.98 15.70 -10.60
N GLY C 178 -41.02 16.19 -9.81
CA GLY C 178 -41.05 16.04 -8.37
C GLY C 178 -39.85 15.30 -7.78
N PHE C 179 -38.82 15.09 -8.59
CA PHE C 179 -37.62 14.41 -8.12
C PHE C 179 -36.84 15.25 -7.11
N VAL C 180 -36.74 16.54 -7.40
CA VAL C 180 -35.97 17.47 -6.58
C VAL C 180 -36.79 18.70 -6.22
N ASP C 181 -36.30 19.50 -5.28
CA ASP C 181 -37.03 20.67 -4.81
C ASP C 181 -36.41 21.97 -5.32
N HIS C 182 -35.14 21.93 -5.68
CA HIS C 182 -34.43 23.13 -6.13
C HIS C 182 -33.44 22.81 -7.24
N ILE C 183 -33.12 23.83 -8.04
CA ILE C 183 -32.02 23.76 -8.98
C ILE C 183 -30.99 24.79 -8.56
N ILE C 184 -29.85 24.35 -8.05
CA ILE C 184 -28.86 25.27 -7.50
C ILE C 184 -27.82 25.66 -8.55
N THR C 185 -27.95 26.87 -9.07
CA THR C 185 -26.98 27.42 -10.00
C THR C 185 -25.73 27.86 -9.22
N ARG C 186 -25.94 28.52 -8.09
CA ARG C 186 -24.85 29.01 -7.25
C ARG C 186 -25.16 28.80 -5.77
N ALA C 187 -24.10 28.62 -4.99
CA ALA C 187 -24.23 28.38 -3.55
C ALA C 187 -23.71 29.57 -2.75
N LEU D 8 -4.04 2.36 4.45
CA LEU D 8 -5.42 2.18 4.85
C LEU D 8 -6.35 2.71 3.76
N SER D 9 -7.44 2.01 3.50
CA SER D 9 -8.39 2.42 2.47
C SER D 9 -9.54 3.24 3.07
N LEU D 10 -10.34 3.86 2.21
CA LEU D 10 -11.50 4.61 2.66
C LEU D 10 -12.46 3.68 3.38
N THR D 11 -12.76 2.56 2.74
CA THR D 11 -13.67 1.58 3.28
C THR D 11 -13.21 1.07 4.65
N ASP D 12 -11.96 0.64 4.72
CA ASP D 12 -11.39 0.15 5.97
C ASP D 12 -11.35 1.25 7.03
N SER D 13 -11.13 2.48 6.59
CA SER D 13 -11.10 3.61 7.52
C SER D 13 -12.47 3.82 8.14
N VAL D 14 -13.51 3.77 7.31
CA VAL D 14 -14.88 3.93 7.79
C VAL D 14 -15.24 2.80 8.74
N TYR D 15 -14.85 1.58 8.39
CA TYR D 15 -15.12 0.42 9.24
C TYR D 15 -14.37 0.53 10.57
N GLU D 16 -13.15 1.06 10.53
CA GLU D 16 -12.38 1.24 11.76
C GLU D 16 -13.00 2.33 12.62
N ARG D 17 -13.35 3.45 11.98
CA ARG D 17 -13.99 4.55 12.68
C ARG D 17 -15.33 4.11 13.27
N LEU D 18 -16.01 3.20 12.57
CA LEU D 18 -17.23 2.59 13.08
C LEU D 18 -16.92 1.67 14.25
N LEU D 19 -15.82 0.92 14.12
CA LEU D 19 -15.37 0.03 15.17
C LEU D 19 -15.18 0.82 16.46
N SER D 20 -14.66 2.03 16.33
CA SER D 20 -14.49 2.93 17.46
C SER D 20 -15.85 3.29 18.07
N GLU D 21 -16.89 3.25 17.26
CA GLU D 21 -18.27 3.49 17.72
C GLU D 21 -18.94 2.19 18.13
N ARG D 22 -18.15 1.12 18.25
CA ARG D 22 -18.66 -0.20 18.63
C ARG D 22 -19.74 -0.67 17.66
N ILE D 23 -19.49 -0.47 16.37
CA ILE D 23 -20.37 -0.93 15.31
C ILE D 23 -19.61 -1.87 14.38
N ILE D 24 -20.17 -3.06 14.18
CA ILE D 24 -19.53 -4.08 13.36
C ILE D 24 -20.41 -4.43 12.17
N PHE D 25 -19.79 -4.86 11.08
CA PHE D 25 -20.51 -5.17 9.85
C PHE D 25 -20.32 -6.60 9.40
N LEU D 26 -21.40 -7.20 8.90
CA LEU D 26 -21.35 -8.48 8.20
C LEU D 26 -22.04 -8.31 6.86
N GLY D 27 -21.29 -7.85 5.87
CA GLY D 27 -21.84 -7.50 4.58
C GLY D 27 -21.45 -8.44 3.45
N SER D 28 -20.96 -9.62 3.82
CA SER D 28 -20.54 -10.60 2.82
C SER D 28 -20.81 -12.03 3.29
N GLU D 29 -20.47 -12.98 2.42
CA GLU D 29 -20.69 -14.40 2.71
C GLU D 29 -19.90 -14.82 3.94
N VAL D 30 -20.49 -15.71 4.74
CA VAL D 30 -19.85 -16.18 5.97
C VAL D 30 -18.88 -17.33 5.67
N ASN D 31 -17.61 -17.10 5.96
CA ASN D 31 -16.59 -18.13 5.82
C ASN D 31 -15.56 -18.03 6.95
N ASP D 32 -14.53 -18.86 6.90
CA ASP D 32 -13.54 -18.90 7.96
C ASP D 32 -12.83 -17.56 8.13
N GLU D 33 -12.51 -16.92 7.02
CA GLU D 33 -11.81 -15.64 7.07
C GLU D 33 -12.67 -14.57 7.71
N ILE D 34 -13.88 -14.38 7.17
CA ILE D 34 -14.82 -13.41 7.72
C ILE D 34 -15.12 -13.73 9.18
N ALA D 35 -15.25 -15.01 9.48
CA ALA D 35 -15.48 -15.44 10.86
C ALA D 35 -14.35 -15.00 11.77
N ASN D 36 -13.12 -15.32 11.37
CA ASN D 36 -11.95 -14.93 12.16
C ASN D 36 -11.92 -13.42 12.39
N ARG D 37 -12.16 -12.67 11.34
CA ARG D 37 -12.18 -11.22 11.41
C ARG D 37 -13.27 -10.71 12.33
N LEU D 38 -14.48 -11.23 12.18
CA LEU D 38 -15.59 -10.80 13.02
C LEU D 38 -15.33 -11.12 14.49
N CYS D 39 -14.92 -12.36 14.74
CA CYS D 39 -14.59 -12.79 16.09
C CYS D 39 -13.52 -11.91 16.71
N ALA D 40 -12.51 -11.58 15.91
CA ALA D 40 -11.44 -10.70 16.36
C ALA D 40 -11.99 -9.35 16.80
N GLN D 41 -12.88 -8.79 15.97
CA GLN D 41 -13.49 -7.51 16.27
C GLN D 41 -14.31 -7.57 17.56
N ILE D 42 -15.10 -8.63 17.71
CA ILE D 42 -15.91 -8.82 18.90
C ILE D 42 -15.04 -8.90 20.15
N LEU D 43 -14.00 -9.73 20.09
CA LEU D 43 -13.08 -9.88 21.21
C LEU D 43 -12.41 -8.55 21.55
N LEU D 44 -12.02 -7.81 20.51
CA LEU D 44 -11.38 -6.52 20.70
C LEU D 44 -12.29 -5.55 21.45
N LEU D 45 -13.51 -5.39 20.95
CA LEU D 45 -14.46 -4.47 21.58
C LEU D 45 -14.79 -4.92 22.99
N ALA D 46 -14.90 -6.24 23.17
CA ALA D 46 -15.17 -6.80 24.49
C ALA D 46 -14.02 -6.50 25.44
N ALA D 47 -12.81 -6.58 24.91
CA ALA D 47 -11.61 -6.29 25.68
C ALA D 47 -11.54 -4.81 26.05
N GLU D 48 -11.83 -3.95 25.07
CA GLU D 48 -11.78 -2.51 25.28
C GLU D 48 -12.78 -2.06 26.35
N ASP D 49 -14.03 -2.54 26.23
CA ASP D 49 -15.06 -2.21 27.20
C ASP D 49 -16.13 -3.30 27.21
N ALA D 50 -16.28 -3.97 28.34
CA ALA D 50 -17.18 -5.11 28.46
C ALA D 50 -18.58 -4.71 28.93
N SER D 51 -18.77 -3.43 29.19
CA SER D 51 -20.04 -2.94 29.72
C SER D 51 -20.92 -2.34 28.62
N LYS D 52 -20.27 -1.85 27.57
CA LYS D 52 -20.97 -1.18 26.49
C LYS D 52 -21.38 -2.15 25.39
N ASP D 53 -22.59 -1.95 24.87
CA ASP D 53 -23.14 -2.81 23.83
C ASP D 53 -22.29 -2.83 22.56
N ILE D 54 -22.48 -3.87 21.76
CA ILE D 54 -21.91 -3.95 20.43
C ILE D 54 -23.05 -4.07 19.43
N SER D 55 -22.98 -3.28 18.36
CA SER D 55 -24.01 -3.30 17.32
C SER D 55 -23.50 -3.99 16.07
N LEU D 56 -24.16 -5.09 15.70
CA LEU D 56 -23.79 -5.85 14.51
C LEU D 56 -24.82 -5.67 13.40
N TYR D 57 -24.41 -5.01 12.33
CA TYR D 57 -25.28 -4.79 11.18
C TYR D 57 -25.06 -5.87 10.13
N ILE D 58 -26.15 -6.50 9.70
CA ILE D 58 -26.08 -7.68 8.84
C ILE D 58 -26.69 -7.46 7.47
N ASN D 59 -25.90 -7.72 6.44
CA ASN D 59 -26.38 -7.75 5.07
C ASN D 59 -25.62 -8.85 4.33
N SER D 60 -25.90 -10.09 4.71
CA SER D 60 -25.10 -11.23 4.26
C SER D 60 -25.97 -12.34 3.66
N PRO D 61 -25.49 -12.98 2.58
CA PRO D 61 -26.20 -14.12 2.01
C PRO D 61 -25.98 -15.41 2.80
N GLY D 62 -25.22 -15.33 3.89
CA GLY D 62 -24.97 -16.48 4.73
C GLY D 62 -23.69 -17.20 4.36
N GLY D 63 -23.61 -18.48 4.71
CA GLY D 63 -22.43 -19.27 4.39
C GLY D 63 -22.28 -20.52 5.24
N SER D 64 -21.03 -20.85 5.57
CA SER D 64 -20.71 -22.06 6.31
C SER D 64 -21.28 -22.05 7.71
N ILE D 65 -21.77 -23.20 8.17
CA ILE D 65 -22.33 -23.32 9.50
C ILE D 65 -21.24 -23.17 10.56
N SER D 66 -20.14 -23.89 10.38
CA SER D 66 -19.05 -23.88 11.34
C SER D 66 -18.54 -22.46 11.58
N ALA D 67 -18.40 -21.71 10.50
CA ALA D 67 -17.96 -20.33 10.59
C ALA D 67 -18.94 -19.49 11.40
N GLY D 68 -20.21 -19.56 11.03
CA GLY D 68 -21.24 -18.83 11.73
C GLY D 68 -21.34 -19.23 13.19
N ALA D 70 -18.87 -20.30 14.96
CA ALA D 70 -17.70 -19.71 15.61
C ALA D 70 -18.00 -18.28 16.01
N ILE D 71 -18.58 -17.52 15.08
CA ILE D 71 -19.01 -16.17 15.35
C ILE D 71 -20.00 -16.16 16.51
N TYR D 72 -20.97 -17.06 16.47
CA TYR D 72 -21.99 -17.14 17.51
C TYR D 72 -21.36 -17.41 18.88
N ASP D 73 -20.48 -18.39 18.96
CA ASP D 73 -19.80 -18.70 20.21
C ASP D 73 -19.08 -17.46 20.74
N THR D 74 -18.41 -16.75 19.84
CA THR D 74 -17.69 -15.54 20.22
C THR D 74 -18.66 -14.46 20.68
N VAL D 76 -21.66 -15.04 22.20
CA VAL D 76 -22.08 -15.47 23.52
C VAL D 76 -20.96 -15.26 24.53
N LEU D 77 -19.73 -15.47 24.08
CA LEU D 77 -18.56 -15.28 24.93
C LEU D 77 -18.44 -13.85 25.42
N ALA D 78 -18.78 -12.90 24.54
CA ALA D 78 -18.70 -11.48 24.87
C ALA D 78 -19.66 -11.14 26.01
N PRO D 79 -19.15 -10.50 27.08
CA PRO D 79 -20.04 -10.15 28.20
C PRO D 79 -21.09 -9.12 27.83
N CYS D 80 -20.69 -8.15 27.01
CA CYS D 80 -21.58 -7.08 26.59
C CYS D 80 -22.72 -7.63 25.73
N ASP D 81 -23.82 -6.90 25.69
CA ASP D 81 -24.94 -7.25 24.83
C ASP D 81 -24.55 -7.02 23.38
N ILE D 82 -25.07 -7.87 22.50
CA ILE D 82 -24.85 -7.72 21.06
C ILE D 82 -26.17 -7.42 20.38
N ALA D 83 -26.33 -6.19 19.94
CA ALA D 83 -27.52 -5.80 19.20
C ALA D 83 -27.34 -6.12 17.72
N THR D 84 -28.33 -6.80 17.14
CA THR D 84 -28.26 -7.20 15.74
C THR D 84 -29.27 -6.45 14.89
N TYR D 85 -28.84 -6.01 13.72
CA TYR D 85 -29.69 -5.28 12.79
C TYR D 85 -29.73 -5.95 11.42
N ALA D 86 -30.92 -6.33 10.98
CA ALA D 86 -31.10 -6.80 9.61
C ALA D 86 -31.15 -5.60 8.68
N GLY D 88 -29.97 -5.29 5.19
CA GLY D 88 -30.40 -5.58 3.83
C GLY D 88 -30.98 -6.98 3.74
N ALA D 90 -30.60 -11.09 5.46
CA ALA D 90 -30.07 -12.04 6.41
C ALA D 90 -30.47 -13.45 5.98
N ALA D 91 -29.59 -14.11 5.26
CA ALA D 91 -29.87 -15.44 4.72
C ALA D 91 -28.99 -16.49 5.38
N SER D 92 -29.53 -17.68 5.55
CA SER D 92 -28.80 -18.78 6.17
C SER D 92 -28.20 -18.36 7.50
N GLY D 94 -26.71 -15.68 8.16
CA GLY D 94 -27.02 -14.28 8.39
C GLY D 94 -28.25 -14.19 9.25
N GLU D 95 -29.26 -15.00 8.90
CA GLU D 95 -30.47 -15.09 9.68
C GLU D 95 -30.18 -15.62 11.07
N PHE D 96 -29.33 -16.65 11.14
CA PHE D 96 -28.98 -17.26 12.41
C PHE D 96 -28.34 -16.24 13.36
N LEU D 97 -27.32 -15.56 12.86
CA LEU D 97 -26.60 -14.56 13.67
C LEU D 97 -27.51 -13.40 14.03
N LEU D 98 -28.42 -13.06 13.13
CA LEU D 98 -29.41 -12.03 13.39
C LEU D 98 -30.27 -12.41 14.59
N ALA D 99 -30.83 -13.61 14.54
CA ALA D 99 -31.70 -14.12 15.61
C ALA D 99 -30.92 -14.41 16.89
N ALA D 100 -29.61 -14.56 16.76
CA ALA D 100 -28.76 -14.89 17.91
C ALA D 100 -28.45 -13.65 18.75
N GLY D 101 -28.91 -12.49 18.30
CA GLY D 101 -28.67 -11.26 19.01
C GLY D 101 -29.33 -11.23 20.37
N THR D 102 -28.89 -10.33 21.23
CA THR D 102 -29.47 -10.17 22.56
C THR D 102 -30.95 -9.91 22.44
N LYS D 103 -31.75 -10.69 23.15
CA LYS D 103 -33.20 -10.57 23.10
C LYS D 103 -33.64 -9.17 23.52
N GLY D 104 -34.43 -8.55 22.66
CA GLY D 104 -34.89 -7.19 22.87
C GLY D 104 -34.06 -6.20 22.08
N LYS D 105 -32.91 -6.66 21.59
CA LYS D 105 -32.01 -5.82 20.81
C LYS D 105 -31.75 -6.40 19.42
N ARG D 106 -32.72 -7.17 18.93
CA ARG D 106 -32.69 -7.66 17.55
C ARG D 106 -33.63 -6.81 16.70
N TYR D 107 -33.06 -6.00 15.81
CA TYR D 107 -33.83 -5.06 15.01
C TYR D 107 -33.85 -5.46 13.54
N ALA D 108 -34.90 -5.05 12.83
CA ALA D 108 -34.97 -5.21 11.39
C ALA D 108 -35.41 -3.91 10.74
N LEU D 109 -34.73 -3.51 9.67
CA LEU D 109 -35.13 -2.34 8.93
C LEU D 109 -36.27 -2.71 7.98
N PRO D 110 -37.15 -1.74 7.66
CA PRO D 110 -38.44 -1.98 7.00
C PRO D 110 -38.41 -2.89 5.78
N HIS D 111 -37.35 -2.81 4.99
CA HIS D 111 -37.28 -3.57 3.75
C HIS D 111 -36.21 -4.65 3.81
N ALA D 112 -35.83 -5.04 5.01
CA ALA D 112 -34.91 -6.14 5.19
C ALA D 112 -35.61 -7.44 4.82
N ARG D 113 -34.83 -8.45 4.45
CA ARG D 113 -35.37 -9.75 4.09
C ARG D 113 -34.61 -10.87 4.78
N ILE D 114 -35.34 -11.73 5.47
CA ILE D 114 -34.76 -12.85 6.19
C ILE D 114 -35.08 -14.15 5.47
N LEU D 115 -34.03 -14.85 5.04
CA LEU D 115 -34.17 -16.12 4.33
C LEU D 115 -33.67 -17.27 5.17
N HIS D 117 -32.54 -21.25 5.21
CA HIS D 117 -31.92 -22.15 4.25
C HIS D 117 -31.10 -23.21 4.94
N GLN D 118 -31.26 -24.44 4.50
CA GLN D 118 -30.49 -25.58 5.00
C GLN D 118 -29.20 -25.75 4.19
N PRO D 119 -28.04 -25.42 4.79
CA PRO D 119 -26.77 -25.51 4.04
C PRO D 119 -26.41 -26.93 3.63
N LEU D 120 -25.55 -27.05 2.62
CA LEU D 120 -25.14 -28.36 2.10
C LEU D 120 -23.79 -28.78 2.66
N GLY D 121 -23.16 -27.92 3.44
CA GLY D 121 -21.87 -28.23 4.02
C GLY D 121 -20.84 -28.53 2.95
N GLY D 122 -20.29 -29.74 2.98
CA GLY D 122 -19.36 -30.18 1.96
C GLY D 122 -17.94 -30.30 2.49
N ALA D 128 -9.35 -34.07 5.19
CA ALA D 128 -9.85 -35.01 6.19
C ALA D 128 -10.72 -36.08 5.53
N ASP D 129 -11.08 -37.10 6.31
CA ASP D 129 -11.95 -38.17 5.80
C ASP D 129 -13.37 -37.66 5.67
N ILE D 130 -14.03 -38.03 4.58
CA ILE D 130 -15.38 -37.54 4.30
C ILE D 130 -16.37 -37.98 5.36
N ALA D 131 -16.18 -39.18 5.91
CA ALA D 131 -17.08 -39.69 6.94
C ALA D 131 -17.04 -38.81 8.18
N ILE D 132 -15.84 -38.42 8.58
CA ILE D 132 -15.66 -37.55 9.75
C ILE D 132 -16.33 -36.20 9.50
N GLN D 133 -16.07 -35.62 8.35
CA GLN D 133 -16.67 -34.34 7.97
C GLN D 133 -18.19 -34.43 8.00
N ALA D 134 -18.73 -35.53 7.49
CA ALA D 134 -20.16 -35.76 7.50
C ALA D 134 -20.72 -35.80 8.92
N GLU D 135 -20.04 -36.56 9.78
CA GLU D 135 -20.43 -36.64 11.18
C GLU D 135 -20.52 -35.27 11.81
N GLN D 136 -19.42 -34.53 11.73
CA GLN D 136 -19.34 -33.18 12.29
C GLN D 136 -20.46 -32.28 11.76
N PHE D 137 -20.69 -32.32 10.46
CA PHE D 137 -21.73 -31.50 9.85
C PHE D 137 -23.11 -31.84 10.40
N ALA D 138 -23.39 -33.14 10.53
CA ALA D 138 -24.67 -33.59 11.07
C ALA D 138 -24.88 -33.01 12.47
N VAL D 139 -23.86 -33.14 13.31
CA VAL D 139 -23.91 -32.60 14.67
C VAL D 139 -24.19 -31.10 14.66
N ILE D 140 -23.35 -30.34 13.98
CA ILE D 140 -23.43 -28.89 14.01
C ILE D 140 -24.71 -28.40 13.34
N LYS D 141 -25.18 -29.14 12.33
CA LYS D 141 -26.43 -28.84 11.66
C LYS D 141 -27.60 -28.94 12.64
N LYS D 142 -27.69 -30.10 13.31
CA LYS D 142 -28.73 -30.33 14.30
C LYS D 142 -28.72 -29.24 15.36
N GLU D 143 -27.52 -28.92 15.84
CA GLU D 143 -27.36 -27.88 16.83
C GLU D 143 -27.83 -26.52 16.32
N PHE D 145 -30.25 -25.96 14.06
CA PHE D 145 -31.71 -26.02 14.09
C PHE D 145 -32.22 -25.80 15.50
N ARG D 146 -31.60 -26.47 16.46
CA ARG D 146 -31.96 -26.33 17.87
C ARG D 146 -31.90 -24.87 18.29
N LEU D 147 -30.74 -24.26 18.08
CA LEU D 147 -30.53 -22.88 18.49
C LEU D 147 -31.45 -21.92 17.74
N ASN D 148 -31.70 -22.21 16.46
CA ASN D 148 -32.60 -21.38 15.68
C ASN D 148 -33.99 -21.42 16.26
N ALA D 149 -34.44 -22.63 16.60
CA ALA D 149 -35.71 -22.82 17.28
C ALA D 149 -35.73 -22.07 18.60
N GLU D 150 -34.65 -22.15 19.36
CA GLU D 150 -34.54 -21.45 20.63
C GLU D 150 -34.63 -19.95 20.44
N PHE D 151 -33.93 -19.43 19.43
CA PHE D 151 -33.93 -18.00 19.18
C PHE D 151 -35.33 -17.50 18.82
N THR D 152 -35.98 -18.18 17.88
CA THR D 152 -37.26 -17.74 17.35
C THR D 152 -38.45 -18.15 18.22
N GLY D 153 -38.27 -19.18 19.04
CA GLY D 153 -39.36 -19.69 19.85
C GLY D 153 -40.31 -20.57 19.05
N GLN D 154 -39.85 -21.03 17.90
CA GLN D 154 -40.61 -21.94 17.06
C GLN D 154 -40.23 -23.37 17.37
N PRO D 155 -41.11 -24.33 17.02
CA PRO D 155 -40.74 -25.74 17.18
C PRO D 155 -39.61 -26.12 16.23
N ILE D 156 -38.78 -27.08 16.64
CA ILE D 156 -37.68 -27.52 15.80
C ILE D 156 -38.23 -28.05 14.47
N GLU D 157 -39.36 -28.74 14.54
CA GLU D 157 -39.99 -29.30 13.35
C GLU D 157 -40.31 -28.19 12.35
N ARG D 158 -40.75 -27.05 12.87
CA ARG D 158 -41.13 -25.93 12.02
C ARG D 158 -39.90 -25.31 11.38
N ILE D 159 -38.82 -25.22 12.15
CA ILE D 159 -37.55 -24.69 11.66
C ILE D 159 -37.00 -25.54 10.52
N GLU D 160 -36.94 -26.84 10.73
CA GLU D 160 -36.45 -27.75 9.71
C GLU D 160 -37.35 -27.70 8.47
N ALA D 161 -38.66 -27.76 8.70
CA ALA D 161 -39.62 -27.74 7.62
C ALA D 161 -39.49 -26.49 6.77
N ASP D 162 -39.41 -25.34 7.43
CA ASP D 162 -39.30 -24.06 6.73
C ASP D 162 -37.93 -23.91 6.10
N SER D 163 -36.90 -24.42 6.77
CA SER D 163 -35.54 -24.39 6.22
C SER D 163 -35.46 -25.17 4.92
N ASP D 164 -36.15 -26.31 4.88
CA ASP D 164 -36.14 -27.17 3.70
C ASP D 164 -36.66 -26.46 2.46
N ARG D 165 -37.75 -25.72 2.63
CA ARG D 165 -38.40 -25.08 1.50
C ARG D 165 -37.96 -23.63 1.30
N ASP D 166 -36.81 -23.28 1.89
CA ASP D 166 -36.20 -21.97 1.70
C ASP D 166 -37.19 -20.84 1.93
N ARG D 167 -37.95 -20.94 3.01
CA ARG D 167 -38.92 -19.92 3.36
C ARG D 167 -38.20 -18.61 3.63
N TRP D 168 -38.76 -17.51 3.12
CA TRP D 168 -38.21 -16.18 3.38
C TRP D 168 -39.26 -15.26 3.98
N PHE D 169 -38.81 -14.22 4.66
CA PHE D 169 -39.68 -13.33 5.41
C PHE D 169 -39.44 -11.87 5.09
N THR D 170 -40.50 -11.07 5.11
CA THR D 170 -40.36 -9.63 5.14
C THR D 170 -40.04 -9.21 6.56
N ALA D 171 -39.84 -7.91 6.77
CA ALA D 171 -39.54 -7.42 8.10
C ALA D 171 -40.68 -7.74 9.07
N ALA D 172 -41.91 -7.51 8.62
CA ALA D 172 -43.08 -7.80 9.44
C ALA D 172 -43.20 -9.29 9.73
N GLU D 173 -43.14 -10.11 8.68
CA GLU D 173 -43.24 -11.56 8.82
C GLU D 173 -42.15 -12.10 9.74
N ALA D 174 -40.96 -11.51 9.66
CA ALA D 174 -39.84 -11.92 10.49
C ALA D 174 -40.10 -11.57 11.94
N LEU D 175 -40.63 -10.37 12.18
CA LEU D 175 -40.96 -9.93 13.52
C LEU D 175 -41.96 -10.90 14.15
N GLU D 176 -42.95 -11.31 13.36
CA GLU D 176 -43.95 -12.25 13.82
C GLU D 176 -43.35 -13.63 14.10
N TYR D 177 -42.50 -14.09 13.19
CA TYR D 177 -41.94 -15.43 13.27
C TYR D 177 -41.04 -15.58 14.50
N GLY D 178 -40.33 -14.50 14.84
CA GLY D 178 -39.52 -14.46 16.05
C GLY D 178 -38.05 -14.21 15.82
N PHE D 179 -37.68 -13.83 14.61
CA PHE D 179 -36.28 -13.55 14.29
C PHE D 179 -35.80 -12.28 15.00
N VAL D 180 -36.66 -11.27 15.00
CA VAL D 180 -36.31 -9.97 15.55
C VAL D 180 -37.37 -9.48 16.53
N ASP D 181 -37.02 -8.44 17.29
CA ASP D 181 -37.89 -7.88 18.32
C ASP D 181 -38.47 -6.52 17.93
N HIS D 182 -37.87 -5.88 16.94
CA HIS D 182 -38.27 -4.54 16.52
C HIS D 182 -38.24 -4.38 15.02
N ILE D 183 -39.07 -3.49 14.51
CA ILE D 183 -38.91 -3.00 13.15
C ILE D 183 -38.68 -1.51 13.24
N ILE D 184 -37.44 -1.10 13.03
CA ILE D 184 -37.07 0.30 13.22
C ILE D 184 -37.05 1.06 11.88
N THR D 185 -37.92 2.05 11.75
CA THR D 185 -37.90 2.93 10.57
C THR D 185 -36.86 4.01 10.78
N ARG D 186 -36.90 4.63 11.96
CA ARG D 186 -36.06 5.77 12.28
C ARG D 186 -35.46 5.64 13.67
N ALA D 187 -34.29 6.23 13.86
CA ALA D 187 -33.60 6.21 15.14
C ALA D 187 -33.68 7.58 15.80
N HIS D 188 -33.83 7.60 17.12
CA HIS D 188 -33.89 8.86 17.85
C HIS D 188 -32.50 9.34 18.22
N VAL D 189 -32.37 10.65 18.40
CA VAL D 189 -31.06 11.26 18.67
C VAL D 189 -30.55 10.89 20.06
N LEU E 8 -1.60 -0.23 6.69
CA LEU E 8 -2.20 -1.36 7.37
C LEU E 8 -3.69 -1.46 7.04
N SER E 9 -4.19 -2.69 6.95
CA SER E 9 -5.59 -2.95 6.65
C SER E 9 -6.40 -3.09 7.94
N LEU E 10 -7.72 -3.17 7.80
CA LEU E 10 -8.62 -3.31 8.94
C LEU E 10 -8.29 -4.58 9.74
N THR E 11 -8.14 -5.70 9.04
CA THR E 11 -7.83 -6.97 9.67
C THR E 11 -6.55 -6.90 10.49
N ASP E 12 -5.49 -6.40 9.86
CA ASP E 12 -4.22 -6.25 10.56
C ASP E 12 -4.33 -5.25 11.72
N SER E 13 -5.18 -4.24 11.55
CA SER E 13 -5.37 -3.23 12.58
C SER E 13 -6.02 -3.82 13.83
N VAL E 14 -7.07 -4.60 13.65
CA VAL E 14 -7.74 -5.23 14.79
C VAL E 14 -6.80 -6.23 15.45
N TYR E 15 -6.06 -6.98 14.65
CA TYR E 15 -5.10 -7.95 15.20
C TYR E 15 -4.01 -7.22 15.98
N GLU E 16 -3.60 -6.06 15.49
CA GLU E 16 -2.60 -5.25 16.19
C GLU E 16 -3.21 -4.68 17.46
N ARG E 17 -4.42 -4.14 17.36
CA ARG E 17 -5.14 -3.62 18.52
C ARG E 17 -5.37 -4.72 19.53
N LEU E 18 -5.60 -5.94 19.04
CA LEU E 18 -5.74 -7.10 19.89
C LEU E 18 -4.41 -7.45 20.55
N LEU E 19 -3.34 -7.33 19.78
CA LEU E 19 -2.00 -7.59 20.28
C LEU E 19 -1.70 -6.68 21.47
N SER E 20 -2.16 -5.44 21.41
CA SER E 20 -2.02 -4.51 22.51
C SER E 20 -2.78 -4.99 23.74
N GLU E 21 -3.83 -5.77 23.52
CA GLU E 21 -4.60 -6.35 24.60
C GLU E 21 -4.06 -7.74 24.97
N ARG E 22 -2.88 -8.06 24.46
CA ARG E 22 -2.23 -9.35 24.67
C ARG E 22 -3.11 -10.51 24.22
N ILE E 23 -3.74 -10.34 23.05
CA ILE E 23 -4.54 -11.38 22.43
C ILE E 23 -3.99 -11.70 21.04
N ILE E 24 -3.65 -12.96 20.80
CA ILE E 24 -3.10 -13.40 19.53
C ILE E 24 -3.97 -14.47 18.89
N PHE E 25 -3.92 -14.56 17.56
CA PHE E 25 -4.78 -15.47 16.80
C PHE E 25 -4.02 -16.50 15.98
N LEU E 26 -4.55 -17.73 15.96
CA LEU E 26 -4.11 -18.77 15.04
C LEU E 26 -5.32 -19.27 14.26
N GLY E 27 -5.64 -18.57 13.18
CA GLY E 27 -6.86 -18.83 12.43
C GLY E 27 -6.62 -19.44 11.07
N SER E 28 -5.44 -19.99 10.85
CA SER E 28 -5.09 -20.59 9.56
C SER E 28 -4.17 -21.79 9.75
N GLU E 29 -3.83 -22.43 8.64
CA GLU E 29 -2.97 -23.61 8.67
C GLU E 29 -1.60 -23.25 9.23
N VAL E 30 -1.00 -24.18 9.97
CA VAL E 30 0.29 -23.95 10.60
C VAL E 30 1.44 -24.25 9.64
N ASN E 31 2.25 -23.23 9.36
CA ASN E 31 3.45 -23.39 8.55
C ASN E 31 4.58 -22.54 9.10
N ASP E 32 5.73 -22.54 8.42
CA ASP E 32 6.90 -21.82 8.89
C ASP E 32 6.63 -20.33 9.01
N GLU E 33 5.90 -19.77 8.04
CA GLU E 33 5.63 -18.35 8.03
C GLU E 33 4.75 -17.96 9.20
N ILE E 34 3.60 -18.61 9.33
CA ILE E 34 2.69 -18.36 10.44
C ILE E 34 3.38 -18.62 11.77
N ALA E 35 4.19 -19.67 11.83
CA ALA E 35 4.93 -20.01 13.03
C ALA E 35 5.85 -18.86 13.43
N ASN E 36 6.65 -18.39 12.48
CA ASN E 36 7.56 -17.28 12.73
C ASN E 36 6.83 -16.06 13.26
N ARG E 37 5.71 -15.73 12.62
CA ARG E 37 4.90 -14.59 13.02
C ARG E 37 4.35 -14.76 14.44
N LEU E 38 3.80 -15.94 14.72
CA LEU E 38 3.26 -16.21 16.06
C LEU E 38 4.36 -16.15 17.11
N CYS E 39 5.48 -16.82 16.81
CA CYS E 39 6.62 -16.81 17.71
C CYS E 39 7.07 -15.38 17.96
N ALA E 40 7.10 -14.58 16.90
CA ALA E 40 7.45 -13.17 17.01
C ALA E 40 6.51 -12.44 17.96
N GLN E 41 5.21 -12.68 17.79
CA GLN E 41 4.19 -12.06 18.63
C GLN E 41 4.35 -12.47 20.10
N ILE E 42 4.57 -13.75 20.35
CA ILE E 42 4.75 -14.24 21.70
C ILE E 42 5.97 -13.61 22.35
N LEU E 43 7.09 -13.60 21.61
CA LEU E 43 8.32 -13.02 22.11
C LEU E 43 8.13 -11.53 22.41
N LEU E 44 7.41 -10.84 21.53
CA LEU E 44 7.12 -9.43 21.72
C LEU E 44 6.34 -9.19 23.01
N LEU E 45 5.24 -9.92 23.18
CA LEU E 45 4.40 -9.78 24.36
C LEU E 45 5.17 -10.14 25.62
N ALA E 46 6.00 -11.18 25.51
CA ALA E 46 6.83 -11.59 26.64
C ALA E 46 7.82 -10.49 26.99
N ALA E 47 8.34 -9.82 25.97
CA ALA E 47 9.29 -8.74 26.16
C ALA E 47 8.63 -7.54 26.81
N GLU E 48 7.45 -7.18 26.31
CA GLU E 48 6.72 -6.02 26.81
C GLU E 48 6.38 -6.18 28.29
N ASP E 49 5.82 -7.34 28.64
CA ASP E 49 5.44 -7.62 30.01
C ASP E 49 5.43 -9.13 30.24
N ALA E 50 6.30 -9.59 31.12
CA ALA E 50 6.49 -11.02 31.36
C ALA E 50 5.60 -11.54 32.48
N SER E 51 4.84 -10.64 33.10
CA SER E 51 4.00 -10.99 34.25
C SER E 51 2.54 -11.18 33.84
N LYS E 52 2.15 -10.53 32.75
CA LYS E 52 0.75 -10.57 32.29
C LYS E 52 0.52 -11.72 31.33
N ASP E 53 -0.64 -12.37 31.47
CA ASP E 53 -0.98 -13.52 30.63
C ASP E 53 -1.06 -13.17 29.15
N ILE E 54 -0.97 -14.19 28.31
CA ILE E 54 -1.21 -14.07 26.88
C ILE E 54 -2.37 -14.98 26.50
N SER E 55 -3.29 -14.46 25.69
CA SER E 55 -4.44 -15.22 25.25
C SER E 55 -4.28 -15.63 23.79
N LEU E 56 -4.23 -16.95 23.55
CA LEU E 56 -4.12 -17.49 22.21
C LEU E 56 -5.42 -18.14 21.77
N TYR E 57 -6.09 -17.53 20.79
CA TYR E 57 -7.32 -18.07 20.25
C TYR E 57 -7.03 -18.88 19.00
N ILE E 58 -7.53 -20.13 18.98
CA ILE E 58 -7.18 -21.08 17.94
C ILE E 58 -8.39 -21.49 17.12
N ASN E 59 -8.27 -21.32 15.80
CA ASN E 59 -9.24 -21.84 14.85
C ASN E 59 -8.48 -22.29 13.61
N SER E 60 -7.71 -23.37 13.76
CA SER E 60 -6.75 -23.79 12.75
C SER E 60 -6.91 -25.27 12.38
N PRO E 61 -6.78 -25.60 11.08
CA PRO E 61 -6.82 -27.00 10.65
C PRO E 61 -5.52 -27.75 10.94
N GLY E 62 -4.57 -27.08 11.56
CA GLY E 62 -3.30 -27.70 11.93
C GLY E 62 -2.26 -27.46 10.85
N GLY E 63 -1.26 -28.32 10.79
CA GLY E 63 -0.21 -28.18 9.79
C GLY E 63 1.06 -28.93 10.15
N SER E 64 2.20 -28.33 9.79
CA SER E 64 3.50 -28.94 9.98
C SER E 64 3.84 -29.11 11.45
N ILE E 65 4.44 -30.25 11.79
CA ILE E 65 4.81 -30.53 13.17
C ILE E 65 5.94 -29.60 13.63
N SER E 66 6.98 -29.47 12.81
CA SER E 66 8.12 -28.64 13.15
C SER E 66 7.71 -27.21 13.45
N ALA E 67 6.81 -26.67 12.61
CA ALA E 67 6.32 -25.31 12.78
C ALA E 67 5.57 -25.18 14.11
N GLY E 68 4.62 -26.08 14.34
CA GLY E 68 3.86 -26.07 15.58
C GLY E 68 4.75 -26.25 16.77
N ALA E 70 7.85 -25.34 17.02
CA ALA E 70 8.54 -24.07 17.22
C ALA E 70 7.67 -23.12 18.01
N ILE E 71 6.40 -23.04 17.64
CA ILE E 71 5.43 -22.23 18.39
C ILE E 71 5.39 -22.69 19.84
N TYR E 72 5.30 -24.00 20.05
CA TYR E 72 5.25 -24.55 21.40
C TYR E 72 6.49 -24.20 22.19
N ASP E 73 7.66 -24.44 21.60
CA ASP E 73 8.91 -24.14 22.28
C ASP E 73 8.93 -22.68 22.70
N THR E 74 8.45 -21.81 21.81
CA THR E 74 8.36 -20.39 22.11
C THR E 74 7.34 -20.14 23.21
N VAL E 76 6.61 -22.24 25.71
CA VAL E 76 7.24 -22.66 26.94
C VAL E 76 8.32 -21.65 27.35
N LEU E 77 8.99 -21.09 26.37
CA LEU E 77 10.02 -20.09 26.61
C LEU E 77 9.46 -18.88 27.31
N ALA E 78 8.23 -18.49 26.95
CA ALA E 78 7.59 -17.33 27.55
C ALA E 78 7.34 -17.52 29.04
N PRO E 79 7.82 -16.58 29.88
CA PRO E 79 7.61 -16.71 31.33
C PRO E 79 6.13 -16.63 31.73
N CYS E 80 5.40 -15.72 31.09
CA CYS E 80 3.99 -15.51 31.39
C CYS E 80 3.15 -16.73 31.05
N ASP E 81 1.99 -16.86 31.70
CA ASP E 81 1.05 -17.91 31.36
C ASP E 81 0.42 -17.63 30.00
N ILE E 82 0.17 -18.70 29.25
CA ILE E 82 -0.51 -18.61 27.96
C ILE E 82 -1.82 -19.37 28.01
N ALA E 83 -2.93 -18.64 28.02
CA ALA E 83 -4.25 -19.24 27.99
C ALA E 83 -4.65 -19.54 26.56
N THR E 84 -5.12 -20.75 26.31
CA THR E 84 -5.51 -21.18 24.98
C THR E 84 -7.02 -21.35 24.87
N TYR E 85 -7.58 -20.90 23.75
CA TYR E 85 -9.01 -21.00 23.48
C TYR E 85 -9.30 -21.71 22.18
N ALA E 86 -10.00 -22.84 22.26
CA ALA E 86 -10.50 -23.52 21.07
C ALA E 86 -11.74 -22.79 20.57
N GLY E 88 -12.98 -22.30 17.10
CA GLY E 88 -13.75 -23.00 16.09
C GLY E 88 -13.26 -24.43 15.88
N ALA E 90 -9.73 -27.02 16.25
CA ALA E 90 -8.37 -27.32 16.64
C ALA E 90 -8.00 -28.71 16.13
N ALA E 91 -7.36 -28.76 14.97
CA ALA E 91 -7.00 -30.02 14.34
C ALA E 91 -5.49 -30.18 14.27
N SER E 92 -5.03 -31.42 14.41
CA SER E 92 -3.61 -31.74 14.35
C SER E 92 -2.81 -30.87 15.32
N GLY E 94 -3.24 -27.69 15.78
CA GLY E 94 -4.16 -26.78 16.44
C GLY E 94 -4.55 -27.37 17.77
N GLU E 95 -4.86 -28.66 17.76
CA GLU E 95 -5.17 -29.40 18.96
C GLU E 95 -3.97 -29.44 19.90
N PHE E 96 -2.79 -29.67 19.33
CA PHE E 96 -1.57 -29.76 20.12
C PHE E 96 -1.30 -28.45 20.87
N LEU E 97 -1.31 -27.34 20.15
CA LEU E 97 -1.04 -26.04 20.73
C LEU E 97 -2.12 -25.66 21.75
N LEU E 98 -3.35 -26.09 21.48
CA LEU E 98 -4.44 -25.89 22.43
C LEU E 98 -4.13 -26.56 23.76
N ALA E 99 -3.82 -27.85 23.69
CA ALA E 99 -3.54 -28.64 24.89
C ALA E 99 -2.24 -28.21 25.54
N ALA E 100 -1.39 -27.53 24.77
CA ALA E 100 -0.10 -27.07 25.27
C ALA E 100 -0.24 -25.81 26.11
N GLY E 101 -1.46 -25.29 26.21
CA GLY E 101 -1.72 -24.10 26.99
C GLY E 101 -1.45 -24.35 28.46
N THR E 102 -1.30 -23.26 29.21
CA THR E 102 -1.08 -23.34 30.65
C THR E 102 -2.21 -24.12 31.31
N LYS E 103 -1.85 -25.11 32.12
CA LYS E 103 -2.83 -25.95 32.79
C LYS E 103 -3.77 -25.11 33.64
N GLY E 104 -5.07 -25.27 33.43
CA GLY E 104 -6.08 -24.51 34.14
C GLY E 104 -6.60 -23.34 33.35
N LYS E 105 -5.88 -22.97 32.29
CA LYS E 105 -6.27 -21.85 31.44
C LYS E 105 -6.44 -22.29 29.98
N ARG E 106 -6.78 -23.55 29.79
CA ARG E 106 -7.12 -24.09 28.47
C ARG E 106 -8.63 -24.18 28.33
N TYR E 107 -9.19 -23.32 27.49
CA TYR E 107 -10.64 -23.21 27.33
C TYR E 107 -11.11 -23.72 25.98
N ALA E 108 -12.36 -24.17 25.93
CA ALA E 108 -13.00 -24.56 24.67
C ALA E 108 -14.36 -23.89 24.56
N LEU E 109 -14.67 -23.38 23.38
CA LEU E 109 -15.96 -22.75 23.15
C LEU E 109 -16.99 -23.86 22.93
N PRO E 110 -18.25 -23.60 23.28
CA PRO E 110 -19.29 -24.66 23.34
C PRO E 110 -19.36 -25.54 22.11
N HIS E 111 -19.17 -24.96 20.93
CA HIS E 111 -19.33 -25.69 19.68
C HIS E 111 -18.01 -25.88 18.96
N ALA E 112 -16.91 -25.75 19.71
CA ALA E 112 -15.60 -26.00 19.16
C ALA E 112 -15.44 -27.50 18.88
N ARG E 113 -14.56 -27.83 17.95
CA ARG E 113 -14.30 -29.21 17.60
C ARG E 113 -12.80 -29.46 17.57
N ILE E 114 -12.36 -30.46 18.32
CA ILE E 114 -10.95 -30.81 18.40
C ILE E 114 -10.71 -32.13 17.68
N LEU E 115 -9.86 -32.08 16.66
CA LEU E 115 -9.54 -33.25 15.85
C LEU E 115 -8.10 -33.68 16.07
N HIS E 117 -4.95 -35.96 14.68
CA HIS E 117 -4.49 -36.39 13.37
C HIS E 117 -2.99 -36.60 13.38
N GLN E 118 -2.55 -37.72 12.81
CA GLN E 118 -1.14 -38.04 12.66
C GLN E 118 -0.64 -37.47 11.33
N PRO E 119 0.16 -36.39 11.37
CA PRO E 119 0.63 -35.81 10.11
C PRO E 119 1.56 -36.75 9.34
N LEU E 120 1.65 -36.56 8.03
CA LEU E 120 2.49 -37.39 7.18
C LEU E 120 3.82 -36.71 6.84
N GLY E 121 3.98 -35.47 7.28
CA GLY E 121 5.21 -34.74 7.02
C GLY E 121 5.45 -34.57 5.53
N GLY E 122 6.54 -35.15 5.05
CA GLY E 122 6.85 -35.14 3.63
C GLY E 122 8.07 -34.32 3.26
N VAL E 123 8.39 -34.34 1.97
CA VAL E 123 9.68 -33.89 1.47
C VAL E 123 9.74 -32.39 1.24
N THR E 124 10.95 -31.83 1.33
CA THR E 124 11.20 -30.41 1.07
C THR E 124 12.67 -30.21 0.74
N ALA E 128 17.00 -31.26 1.48
CA ALA E 128 18.17 -32.09 1.71
C ALA E 128 17.85 -33.56 1.43
N ASP E 129 18.57 -34.46 2.08
CA ASP E 129 18.36 -35.89 1.88
C ASP E 129 17.07 -36.38 2.53
N ILE E 130 16.34 -37.23 1.81
CA ILE E 130 15.04 -37.72 2.28
C ILE E 130 15.19 -38.55 3.55
N ALA E 131 16.29 -39.29 3.65
CA ALA E 131 16.54 -40.13 4.82
C ALA E 131 16.63 -39.29 6.08
N ILE E 132 17.38 -38.19 5.99
CA ILE E 132 17.51 -37.27 7.11
C ILE E 132 16.16 -36.67 7.48
N GLN E 133 15.43 -36.18 6.48
CA GLN E 133 14.11 -35.60 6.71
C GLN E 133 13.19 -36.61 7.39
N ALA E 134 13.25 -37.85 6.94
CA ALA E 134 12.47 -38.93 7.55
C ALA E 134 12.88 -39.11 9.00
N GLU E 135 14.18 -39.16 9.23
CA GLU E 135 14.75 -39.29 10.57
C GLU E 135 14.23 -38.19 11.49
N GLN E 136 14.44 -36.95 11.06
CA GLN E 136 13.99 -35.79 11.83
C GLN E 136 12.50 -35.87 12.14
N PHE E 137 11.71 -36.22 11.14
CA PHE E 137 10.27 -36.33 11.30
C PHE E 137 9.90 -37.38 12.34
N ALA E 138 10.57 -38.53 12.28
CA ALA E 138 10.35 -39.60 13.24
C ALA E 138 10.56 -39.12 14.66
N VAL E 139 11.68 -38.45 14.89
CA VAL E 139 12.02 -37.90 16.19
C VAL E 139 10.91 -36.97 16.69
N ILE E 140 10.63 -35.94 15.90
CA ILE E 140 9.68 -34.91 16.32
C ILE E 140 8.25 -35.46 16.44
N LYS E 141 7.90 -36.42 15.59
CA LYS E 141 6.61 -37.08 15.68
C LYS E 141 6.47 -37.75 17.03
N LYS E 142 7.47 -38.57 17.37
CA LYS E 142 7.50 -39.26 18.66
C LYS E 142 7.39 -38.24 19.78
N GLU E 143 8.13 -37.13 19.66
CA GLU E 143 8.07 -36.06 20.64
C GLU E 143 6.67 -35.46 20.76
N PHE E 145 3.71 -37.01 20.10
CA PHE E 145 2.89 -37.99 20.80
C PHE E 145 3.17 -37.95 22.30
N ARG E 146 4.45 -37.92 22.66
CA ARG E 146 4.83 -37.84 24.05
C ARG E 146 4.22 -36.63 24.73
N LEU E 147 4.46 -35.46 24.15
CA LEU E 147 3.98 -34.21 24.71
C LEU E 147 2.45 -34.14 24.72
N ASN E 148 1.82 -34.69 23.68
CA ASN E 148 0.37 -34.71 23.64
C ASN E 148 -0.18 -35.55 24.79
N ALA E 149 0.43 -36.71 24.99
CA ALA E 149 0.10 -37.58 26.10
C ALA E 149 0.26 -36.86 27.43
N GLU E 150 1.34 -36.10 27.56
CA GLU E 150 1.61 -35.34 28.78
C GLU E 150 0.52 -34.30 29.00
N PHE E 151 0.13 -33.60 27.93
CA PHE E 151 -0.89 -32.57 28.02
C PHE E 151 -2.24 -33.13 28.45
N THR E 152 -2.66 -34.20 27.79
CA THR E 152 -3.98 -34.78 28.02
C THR E 152 -4.00 -35.70 29.22
N GLY E 153 -2.84 -36.20 29.61
CA GLY E 153 -2.74 -37.14 30.70
C GLY E 153 -3.18 -38.54 30.28
N GLN E 154 -3.22 -38.76 28.97
CA GLN E 154 -3.58 -40.06 28.41
C GLN E 154 -2.31 -40.87 28.14
N PRO E 155 -2.46 -42.21 28.05
CA PRO E 155 -1.29 -43.01 27.67
C PRO E 155 -0.86 -42.73 26.24
N ILE E 156 0.44 -42.84 25.96
CA ILE E 156 0.96 -42.58 24.62
C ILE E 156 0.31 -43.53 23.61
N GLU E 157 0.09 -44.77 24.03
CA GLU E 157 -0.53 -45.77 23.16
C GLU E 157 -1.89 -45.29 22.68
N ARG E 158 -2.65 -44.69 23.58
CA ARG E 158 -3.99 -44.21 23.25
C ARG E 158 -3.91 -42.99 22.34
N ILE E 159 -2.92 -42.13 22.58
CA ILE E 159 -2.72 -40.95 21.74
C ILE E 159 -2.46 -41.38 20.30
N GLU E 160 -1.52 -42.31 20.12
CA GLU E 160 -1.21 -42.83 18.81
C GLU E 160 -2.42 -43.53 18.19
N ALA E 161 -3.07 -44.36 18.98
CA ALA E 161 -4.23 -45.12 18.52
C ALA E 161 -5.33 -44.18 18.03
N ASP E 162 -5.64 -43.17 18.81
CA ASP E 162 -6.69 -42.22 18.46
C ASP E 162 -6.27 -41.32 17.31
N SER E 163 -4.99 -40.94 17.30
CA SER E 163 -4.44 -40.13 16.22
C SER E 163 -4.54 -40.87 14.90
N ASP E 164 -4.28 -42.17 14.93
CA ASP E 164 -4.31 -43.00 13.74
C ASP E 164 -5.67 -42.95 13.05
N ARG E 165 -6.74 -43.07 13.83
CA ARG E 165 -8.08 -43.15 13.26
C ARG E 165 -8.77 -41.77 13.23
N ASP E 166 -7.97 -40.72 13.33
CA ASP E 166 -8.47 -39.35 13.20
C ASP E 166 -9.67 -39.08 14.11
N ARG E 167 -9.56 -39.50 15.36
CA ARG E 167 -10.62 -39.28 16.34
C ARG E 167 -10.86 -37.80 16.56
N TRP E 168 -12.12 -37.41 16.65
CA TRP E 168 -12.48 -36.02 16.92
C TRP E 168 -13.39 -35.91 18.14
N PHE E 169 -13.39 -34.72 18.74
CA PHE E 169 -14.09 -34.48 20.00
C PHE E 169 -14.98 -33.25 19.93
N THR E 170 -16.10 -33.30 20.64
CA THR E 170 -16.88 -32.11 20.91
C THR E 170 -16.23 -31.39 22.08
N ALA E 171 -16.78 -30.24 22.47
CA ALA E 171 -16.23 -29.49 23.58
C ALA E 171 -16.23 -30.34 24.84
N ALA E 172 -17.35 -31.01 25.09
CA ALA E 172 -17.50 -31.89 26.25
C ALA E 172 -16.53 -33.05 26.19
N GLU E 173 -16.52 -33.76 25.08
CA GLU E 173 -15.64 -34.92 24.90
C GLU E 173 -14.18 -34.52 25.08
N ALA E 174 -13.84 -33.32 24.62
CA ALA E 174 -12.48 -32.81 24.74
C ALA E 174 -12.13 -32.51 26.19
N LEU E 175 -13.06 -31.89 26.90
CA LEU E 175 -12.88 -31.60 28.31
C LEU E 175 -12.64 -32.90 29.07
N GLU E 176 -13.41 -33.92 28.70
CA GLU E 176 -13.31 -35.23 29.32
C GLU E 176 -11.95 -35.85 29.01
N TYR E 177 -11.54 -35.78 27.75
CA TYR E 177 -10.31 -36.41 27.27
C TYR E 177 -9.06 -35.77 27.88
N GLY E 178 -9.10 -34.46 28.08
CA GLY E 178 -8.02 -33.75 28.74
C GLY E 178 -7.36 -32.66 27.92
N PHE E 179 -7.97 -32.31 26.79
CA PHE E 179 -7.43 -31.27 25.94
C PHE E 179 -7.53 -29.90 26.60
N VAL E 180 -8.67 -29.66 27.24
CA VAL E 180 -8.96 -28.37 27.86
C VAL E 180 -9.43 -28.57 29.29
N ASP E 181 -9.47 -27.48 30.05
CA ASP E 181 -9.83 -27.54 31.47
C ASP E 181 -11.23 -27.00 31.72
N HIS E 182 -11.72 -26.18 30.80
CA HIS E 182 -13.03 -25.55 30.94
C HIS E 182 -13.76 -25.45 29.61
N ILE E 183 -15.09 -25.40 29.69
CA ILE E 183 -15.91 -25.06 28.53
C ILE E 183 -16.61 -23.75 28.87
N ILE E 184 -16.20 -22.69 28.18
CA ILE E 184 -16.66 -21.35 28.49
C ILE E 184 -17.90 -20.98 27.68
N THR E 185 -19.06 -21.28 28.24
CA THR E 185 -20.33 -20.89 27.66
C THR E 185 -20.59 -19.41 27.92
N ARG E 186 -20.44 -19.02 29.18
CA ARG E 186 -20.77 -17.66 29.61
C ARG E 186 -19.61 -16.70 29.38
N ALA E 187 -19.73 -15.51 29.96
CA ALA E 187 -18.81 -14.41 29.68
C ALA E 187 -17.81 -14.17 30.81
N HIS E 188 -16.94 -15.16 31.03
CA HIS E 188 -15.86 -15.12 32.02
C HIS E 188 -15.47 -13.72 32.50
N LEU F 8 2.41 -0.04 6.43
CA LEU F 8 3.01 -1.08 7.26
C LEU F 8 2.05 -2.24 7.45
N SER F 9 2.57 -3.47 7.42
CA SER F 9 1.76 -4.67 7.63
C SER F 9 1.83 -5.12 9.08
N LEU F 10 1.00 -6.10 9.43
CA LEU F 10 1.00 -6.64 10.79
C LEU F 10 2.36 -7.26 11.11
N THR F 11 2.84 -8.10 10.19
CA THR F 11 4.12 -8.78 10.37
C THR F 11 5.26 -7.79 10.59
N ASP F 12 5.37 -6.81 9.70
CA ASP F 12 6.42 -5.79 9.82
C ASP F 12 6.24 -4.98 11.10
N SER F 13 4.99 -4.77 11.50
CA SER F 13 4.69 -4.04 12.73
C SER F 13 5.21 -4.80 13.94
N VAL F 14 4.96 -6.10 13.95
CA VAL F 14 5.42 -6.96 15.02
C VAL F 14 6.94 -6.99 15.06
N TYR F 15 7.57 -7.10 13.90
CA TYR F 15 9.03 -7.11 13.81
C TYR F 15 9.61 -5.77 14.24
N GLU F 16 8.93 -4.68 13.90
CA GLU F 16 9.40 -3.35 14.30
C GLU F 16 9.28 -3.16 15.80
N ARG F 17 8.13 -3.52 16.37
CA ARG F 17 7.94 -3.43 17.81
C ARG F 17 8.94 -4.34 18.52
N LEU F 18 9.27 -5.46 17.89
CA LEU F 18 10.31 -6.33 18.41
C LEU F 18 11.66 -5.64 18.34
N LEU F 19 11.91 -4.95 17.24
CA LEU F 19 13.14 -4.20 17.06
C LEU F 19 13.31 -3.19 18.18
N SER F 20 12.21 -2.59 18.61
CA SER F 20 12.24 -1.67 19.74
C SER F 20 12.69 -2.37 21.01
N GLU F 21 12.41 -3.67 21.09
CA GLU F 21 12.83 -4.49 22.22
C GLU F 21 14.18 -5.15 21.98
N ARG F 22 14.87 -4.69 20.93
CA ARG F 22 16.17 -5.24 20.54
C ARG F 22 16.12 -6.73 20.24
N ILE F 23 15.07 -7.14 19.55
CA ILE F 23 14.91 -8.51 19.10
C ILE F 23 14.79 -8.55 17.58
N ILE F 24 15.67 -9.31 16.93
CA ILE F 24 15.69 -9.40 15.48
C ILE F 24 15.52 -10.85 15.05
N PHE F 25 14.98 -11.05 13.84
CA PHE F 25 14.67 -12.37 13.32
C PHE F 25 15.41 -12.72 12.05
N LEU F 26 15.82 -13.99 11.95
CA LEU F 26 16.31 -14.55 10.70
C LEU F 26 15.50 -15.81 10.40
N GLY F 27 14.36 -15.61 9.75
CA GLY F 27 13.41 -16.68 9.52
C GLY F 27 13.29 -17.09 8.07
N SER F 28 14.29 -16.74 7.28
CA SER F 28 14.28 -17.07 5.86
C SER F 28 15.69 -17.34 5.35
N GLU F 29 15.79 -17.68 4.07
CA GLU F 29 17.07 -17.99 3.44
C GLU F 29 18.02 -16.79 3.52
N VAL F 30 19.30 -17.08 3.72
CA VAL F 30 20.30 -16.03 3.82
C VAL F 30 20.79 -15.63 2.42
N ASN F 31 20.55 -14.38 2.06
CA ASN F 31 21.05 -13.84 0.81
C ASN F 31 21.50 -12.39 1.01
N ASP F 32 21.92 -11.74 -0.08
CA ASP F 32 22.44 -10.39 0.01
C ASP F 32 21.41 -9.41 0.58
N GLU F 33 20.16 -9.56 0.16
CA GLU F 33 19.11 -8.65 0.60
C GLU F 33 18.84 -8.81 2.10
N ILE F 34 18.55 -10.04 2.51
CA ILE F 34 18.30 -10.35 3.91
C ILE F 34 19.51 -9.95 4.76
N ALA F 35 20.71 -10.19 4.23
CA ALA F 35 21.94 -9.81 4.92
C ALA F 35 21.98 -8.31 5.16
N ASN F 36 21.77 -7.54 4.09
CA ASN F 36 21.77 -6.09 4.18
C ASN F 36 20.79 -5.60 5.23
N ARG F 37 19.59 -6.17 5.20
CA ARG F 37 18.55 -5.81 6.16
C ARG F 37 18.97 -6.12 7.59
N LEU F 38 19.52 -7.31 7.81
CA LEU F 38 19.96 -7.71 9.15
C LEU F 38 21.09 -6.80 9.63
N CYS F 39 22.08 -6.59 8.76
CA CYS F 39 23.19 -5.71 9.08
C CYS F 39 22.69 -4.32 9.45
N ALA F 40 21.73 -3.83 8.68
CA ALA F 40 21.13 -2.53 8.94
C ALA F 40 20.52 -2.50 10.33
N GLN F 41 19.74 -3.52 10.66
CA GLN F 41 19.10 -3.62 11.97
C GLN F 41 20.15 -3.68 13.08
N ILE F 42 21.18 -4.49 12.89
CA ILE F 42 22.24 -4.60 13.88
C ILE F 42 22.91 -3.24 14.09
N LEU F 43 23.26 -2.58 12.99
CA LEU F 43 23.87 -1.26 13.08
C LEU F 43 22.95 -0.27 13.77
N LEU F 44 21.67 -0.33 13.41
CA LEU F 44 20.67 0.56 13.98
C LEU F 44 20.58 0.38 15.50
N LEU F 45 20.41 -0.86 15.93
CA LEU F 45 20.31 -1.18 17.36
C LEU F 45 21.59 -0.82 18.08
N ALA F 46 22.72 -1.07 17.44
CA ALA F 46 24.02 -0.74 18.03
C ALA F 46 24.16 0.76 18.20
N ALA F 47 23.64 1.51 17.23
CA ALA F 47 23.67 2.97 17.27
C ALA F 47 22.78 3.51 18.38
N GLU F 48 21.58 2.95 18.51
CA GLU F 48 20.62 3.38 19.51
C GLU F 48 21.15 3.18 20.93
N ASP F 49 21.67 1.99 21.20
CA ASP F 49 22.24 1.67 22.51
C ASP F 49 23.28 0.58 22.40
N ALA F 50 24.51 0.91 22.75
CA ALA F 50 25.64 -0.01 22.60
C ALA F 50 25.89 -0.85 23.84
N SER F 51 25.08 -0.64 24.89
CA SER F 51 25.30 -1.32 26.17
C SER F 51 24.35 -2.50 26.36
N LYS F 52 23.18 -2.45 25.74
CA LYS F 52 22.21 -3.53 25.89
C LYS F 52 22.37 -4.60 24.81
N ASP F 53 22.16 -5.84 25.23
CA ASP F 53 22.29 -6.99 24.34
C ASP F 53 21.33 -6.93 23.16
N ILE F 54 21.66 -7.70 22.13
CA ILE F 54 20.76 -7.91 21.01
C ILE F 54 20.43 -9.39 20.95
N SER F 55 19.15 -9.70 20.78
CA SER F 55 18.70 -11.09 20.70
C SER F 55 18.34 -11.44 19.26
N LEU F 56 19.06 -12.41 18.70
CA LEU F 56 18.79 -12.86 17.35
C LEU F 56 18.18 -14.25 17.36
N TYR F 57 16.92 -14.33 16.94
CA TYR F 57 16.22 -15.60 16.86
C TYR F 57 16.31 -16.15 15.44
N ILE F 58 16.77 -17.39 15.32
CA ILE F 58 17.10 -17.97 14.02
C ILE F 58 16.23 -19.17 13.67
N ASN F 59 15.59 -19.08 12.51
CA ASN F 59 14.87 -20.21 11.93
C ASN F 59 15.05 -20.17 10.43
N SER F 60 16.28 -20.46 10.00
CA SER F 60 16.68 -20.27 8.61
C SER F 60 17.30 -21.53 8.01
N PRO F 61 16.99 -21.81 6.72
CA PRO F 61 17.62 -22.93 6.03
C PRO F 61 19.04 -22.62 5.58
N GLY F 62 19.53 -21.43 5.90
CA GLY F 62 20.88 -21.04 5.56
C GLY F 62 20.89 -20.31 4.23
N GLY F 63 22.04 -20.31 3.57
CA GLY F 63 22.15 -19.64 2.29
C GLY F 63 23.59 -19.33 1.89
N SER F 64 23.77 -18.18 1.24
CA SER F 64 25.07 -17.81 0.72
C SER F 64 26.07 -17.57 1.83
N ILE F 65 27.30 -18.02 1.61
CA ILE F 65 28.36 -17.90 2.60
C ILE F 65 28.76 -16.43 2.76
N SER F 66 28.96 -15.73 1.65
CA SER F 66 29.37 -14.33 1.66
C SER F 66 28.39 -13.46 2.45
N ALA F 67 27.11 -13.70 2.25
CA ALA F 67 26.06 -12.96 2.94
C ALA F 67 26.15 -13.19 4.45
N GLY F 68 26.19 -14.44 4.86
CA GLY F 68 26.29 -14.78 6.26
C GLY F 68 27.53 -14.21 6.92
N ALA F 70 28.99 -11.47 6.01
CA ALA F 70 28.73 -10.04 6.15
C ALA F 70 27.96 -9.79 7.44
N ILE F 71 26.93 -10.59 7.65
CA ILE F 71 26.13 -10.53 8.88
C ILE F 71 27.06 -10.76 10.08
N TYR F 72 27.92 -11.77 9.97
CA TYR F 72 28.84 -12.11 11.04
C TYR F 72 29.77 -10.95 11.37
N ASP F 73 30.38 -10.35 10.35
CA ASP F 73 31.26 -9.19 10.56
C ASP F 73 30.52 -8.08 11.29
N THR F 74 29.28 -7.84 10.87
CA THR F 74 28.45 -6.81 11.48
C THR F 74 28.12 -7.15 12.94
N VAL F 76 30.10 -9.05 15.08
CA VAL F 76 31.33 -8.82 15.81
C VAL F 76 31.60 -7.32 15.91
N LEU F 77 31.25 -6.59 14.87
CA LEU F 77 31.42 -5.14 14.85
C LEU F 77 30.61 -4.49 15.96
N ALA F 78 29.40 -5.00 16.19
CA ALA F 78 28.53 -4.46 17.23
C ALA F 78 29.18 -4.62 18.60
N PRO F 79 29.29 -3.52 19.37
CA PRO F 79 29.91 -3.60 20.69
C PRO F 79 29.13 -4.45 21.69
N CYS F 80 27.81 -4.33 21.65
CA CYS F 80 26.95 -5.09 22.55
C CYS F 80 27.03 -6.59 22.28
N ASP F 81 26.69 -7.39 23.29
CA ASP F 81 26.63 -8.84 23.13
C ASP F 81 25.45 -9.22 22.24
N ILE F 82 25.62 -10.28 21.46
CA ILE F 82 24.56 -10.79 20.61
C ILE F 82 24.16 -12.18 21.06
N ALA F 83 22.97 -12.30 21.64
CA ALA F 83 22.45 -13.59 22.05
C ALA F 83 21.75 -14.24 20.86
N THR F 84 22.09 -15.50 20.59
CA THR F 84 21.50 -16.23 19.47
C THR F 84 20.61 -17.35 19.96
N TYR F 85 19.45 -17.51 19.33
CA TYR F 85 18.49 -18.54 19.70
C TYR F 85 18.15 -19.41 18.51
N ALA F 86 18.42 -20.71 18.61
CA ALA F 86 17.97 -21.66 17.60
C ALA F 86 16.50 -21.94 17.82
N GLY F 88 13.81 -22.79 15.33
CA GLY F 88 13.22 -23.91 14.61
C GLY F 88 14.25 -24.72 13.86
N ALA F 90 18.45 -24.25 12.23
CA ALA F 90 19.66 -23.51 11.91
C ALA F 90 20.53 -24.37 11.00
N ALA F 91 20.41 -24.12 9.70
CA ALA F 91 21.13 -24.92 8.70
C ALA F 91 22.15 -24.07 7.98
N SER F 92 23.28 -24.68 7.64
CA SER F 92 24.36 -24.00 6.94
C SER F 92 24.76 -22.72 7.68
N GLY F 94 22.75 -20.57 9.01
CA GLY F 94 21.90 -20.41 10.18
C GLY F 94 22.65 -20.96 11.37
N GLU F 95 23.23 -22.13 11.19
CA GLU F 95 24.05 -22.76 12.21
C GLU F 95 25.29 -21.92 12.55
N PHE F 96 25.93 -21.38 11.52
CA PHE F 96 27.12 -20.57 11.71
C PHE F 96 26.82 -19.36 12.57
N LEU F 97 25.80 -18.61 12.19
CA LEU F 97 25.42 -17.41 12.91
C LEU F 97 24.94 -17.75 14.32
N LEU F 98 24.31 -18.91 14.47
CA LEU F 98 23.91 -19.39 15.78
C LEU F 98 25.13 -19.57 16.68
N ALA F 99 26.11 -20.32 16.20
CA ALA F 99 27.31 -20.59 16.97
C ALA F 99 28.17 -19.35 17.13
N ALA F 100 27.96 -18.37 16.26
CA ALA F 100 28.73 -17.13 16.27
C ALA F 100 28.25 -16.18 17.36
N GLY F 101 27.18 -16.57 18.05
CA GLY F 101 26.64 -15.74 19.11
C GLY F 101 27.62 -15.59 20.25
N THR F 102 27.42 -14.58 21.09
CA THR F 102 28.26 -14.37 22.25
C THR F 102 28.27 -15.62 23.11
N LYS F 103 29.46 -16.13 23.42
CA LYS F 103 29.56 -17.35 24.22
C LYS F 103 28.89 -17.17 25.57
N GLY F 104 28.03 -18.12 25.91
CA GLY F 104 27.26 -18.07 27.14
C GLY F 104 25.85 -17.57 26.88
N LYS F 105 25.63 -16.97 25.72
CA LYS F 105 24.32 -16.46 25.35
C LYS F 105 23.83 -17.08 24.04
N ARG F 106 24.31 -18.29 23.76
CA ARG F 106 23.83 -19.07 22.63
C ARG F 106 22.83 -20.12 23.10
N TYR F 107 21.56 -19.92 22.75
CA TYR F 107 20.49 -20.79 23.21
C TYR F 107 19.91 -21.65 22.10
N ALA F 108 19.35 -22.79 22.49
CA ALA F 108 18.63 -23.66 21.55
C ALA F 108 17.29 -24.05 22.14
N LEU F 109 16.25 -24.01 21.33
CA LEU F 109 14.94 -24.43 21.78
C LEU F 109 14.87 -25.97 21.72
N PRO F 110 14.08 -26.59 22.61
CA PRO F 110 14.11 -28.04 22.81
C PRO F 110 14.00 -28.86 21.53
N HIS F 111 13.21 -28.42 20.57
CA HIS F 111 12.99 -29.17 19.34
C HIS F 111 13.60 -28.50 18.12
N ALA F 112 14.57 -27.63 18.35
CA ALA F 112 15.31 -27.01 17.26
C ALA F 112 16.19 -28.04 16.59
N ARG F 113 16.56 -27.78 15.33
CA ARG F 113 17.42 -28.69 14.59
C ARG F 113 18.56 -27.91 13.95
N ILE F 114 19.79 -28.35 14.23
CA ILE F 114 20.97 -27.70 13.68
C ILE F 114 21.60 -28.61 12.64
N LEU F 115 21.68 -28.11 11.40
CA LEU F 115 22.27 -28.87 10.31
C LEU F 115 23.57 -28.24 9.85
N HIS F 117 26.31 -28.17 6.79
CA HIS F 117 26.24 -28.39 5.36
C HIS F 117 27.28 -27.52 4.65
N GLN F 118 27.97 -28.12 3.70
CA GLN F 118 28.96 -27.42 2.91
C GLN F 118 28.29 -26.77 1.70
N PRO F 119 28.18 -25.42 1.69
CA PRO F 119 27.48 -24.77 0.57
C PRO F 119 28.19 -24.97 -0.77
N LEU F 120 27.43 -24.84 -1.85
CA LEU F 120 27.96 -25.01 -3.20
C LEU F 120 28.22 -23.64 -3.84
N ALA F 128 30.90 -11.62 -13.38
CA ALA F 128 32.24 -11.91 -12.88
C ALA F 128 32.81 -13.15 -13.55
N ASP F 129 34.13 -13.28 -13.56
CA ASP F 129 34.78 -14.45 -14.12
C ASP F 129 34.63 -15.60 -13.13
N ILE F 130 34.33 -16.79 -13.64
CA ILE F 130 34.08 -17.95 -12.77
C ILE F 130 35.29 -18.31 -11.92
N ALA F 131 36.49 -18.15 -12.47
CA ALA F 131 37.71 -18.47 -11.74
C ALA F 131 37.78 -17.62 -10.49
N ILE F 132 37.48 -16.33 -10.65
CA ILE F 132 37.49 -15.40 -9.54
C ILE F 132 36.49 -15.81 -8.46
N GLN F 133 35.26 -16.13 -8.85
CA GLN F 133 34.27 -16.60 -7.89
C GLN F 133 34.74 -17.84 -7.14
N ALA F 134 35.34 -18.77 -7.86
CA ALA F 134 35.87 -19.98 -7.25
C ALA F 134 36.94 -19.62 -6.22
N GLU F 135 37.85 -18.75 -6.60
CA GLU F 135 38.91 -18.29 -5.70
C GLU F 135 38.32 -17.72 -4.42
N GLN F 136 37.45 -16.72 -4.56
CA GLN F 136 36.81 -16.09 -3.42
C GLN F 136 36.10 -17.10 -2.53
N PHE F 137 35.34 -18.00 -3.16
CA PHE F 137 34.59 -19.00 -2.43
C PHE F 137 35.50 -19.92 -1.63
N ALA F 138 36.60 -20.34 -2.24
CA ALA F 138 37.58 -21.18 -1.57
C ALA F 138 38.08 -20.52 -0.30
N VAL F 139 38.48 -19.25 -0.42
CA VAL F 139 38.95 -18.47 0.71
C VAL F 139 37.91 -18.40 1.81
N ILE F 140 36.73 -17.90 1.48
CA ILE F 140 35.68 -17.66 2.46
C ILE F 140 35.18 -18.96 3.07
N LYS F 141 35.17 -20.03 2.27
CA LYS F 141 34.80 -21.35 2.77
C LYS F 141 35.77 -21.79 3.86
N LYS F 142 37.06 -21.75 3.56
CA LYS F 142 38.09 -22.12 4.52
C LYS F 142 37.93 -21.32 5.81
N GLU F 143 37.70 -20.03 5.64
CA GLU F 143 37.50 -19.14 6.78
C GLU F 143 36.28 -19.52 7.62
N PHE F 145 34.93 -22.63 7.93
CA PHE F 145 35.32 -23.82 8.67
C PHE F 145 36.19 -23.46 9.86
N ARG F 146 37.15 -22.57 9.64
CA ARG F 146 38.03 -22.11 10.72
C ARG F 146 37.22 -21.53 11.87
N LEU F 147 36.38 -20.54 11.57
CA LEU F 147 35.59 -19.87 12.59
C LEU F 147 34.58 -20.82 13.23
N ASN F 148 34.01 -21.71 12.43
CA ASN F 148 33.06 -22.68 12.97
C ASN F 148 33.73 -23.60 13.98
N ALA F 149 34.91 -24.08 13.62
CA ALA F 149 35.72 -24.88 14.52
C ALA F 149 36.01 -24.11 15.80
N GLU F 150 36.34 -22.83 15.65
CA GLU F 150 36.61 -21.98 16.80
C GLU F 150 35.38 -21.83 17.68
N PHE F 151 34.22 -21.62 17.07
CA PHE F 151 32.98 -21.44 17.81
C PHE F 151 32.64 -22.69 18.61
N THR F 152 32.66 -23.84 17.96
CA THR F 152 32.25 -25.10 18.57
C THR F 152 33.35 -25.71 19.43
N GLY F 153 34.58 -25.31 19.17
CA GLY F 153 35.72 -25.87 19.89
C GLY F 153 36.11 -27.24 19.39
N GLN F 154 35.65 -27.59 18.19
CA GLN F 154 36.00 -28.85 17.54
C GLN F 154 37.17 -28.66 16.61
N PRO F 155 37.86 -29.76 16.25
CA PRO F 155 38.93 -29.66 15.25
C PRO F 155 38.38 -29.29 13.88
N ILE F 156 39.16 -28.59 13.06
CA ILE F 156 38.72 -28.21 11.72
C ILE F 156 38.41 -29.46 10.91
N GLU F 157 39.21 -30.50 11.10
CA GLU F 157 39.02 -31.76 10.39
C GLU F 157 37.63 -32.31 10.65
N ARG F 158 37.18 -32.18 11.89
CA ARG F 158 35.87 -32.68 12.30
C ARG F 158 34.75 -31.84 11.70
N ILE F 159 34.98 -30.53 11.65
CA ILE F 159 34.00 -29.62 11.05
C ILE F 159 33.79 -29.97 9.58
N GLU F 160 34.89 -30.11 8.85
CA GLU F 160 34.83 -30.47 7.45
C GLU F 160 34.17 -31.83 7.25
N ALA F 161 34.61 -32.80 8.06
CA ALA F 161 34.09 -34.16 7.96
C ALA F 161 32.59 -34.20 8.16
N ASP F 162 32.11 -33.53 9.21
CA ASP F 162 30.69 -33.52 9.52
C ASP F 162 29.92 -32.68 8.50
N SER F 163 30.53 -31.60 8.03
CA SER F 163 29.91 -30.76 7.02
C SER F 163 29.69 -31.53 5.72
N ASP F 164 30.67 -32.35 5.36
CA ASP F 164 30.61 -33.13 4.13
C ASP F 164 29.43 -34.10 4.10
N ARG F 165 29.20 -34.79 5.21
CA ARG F 165 28.17 -35.82 5.26
C ARG F 165 26.85 -35.28 5.80
N ASP F 166 26.70 -33.95 5.78
CA ASP F 166 25.45 -33.30 6.15
C ASP F 166 24.93 -33.77 7.51
N ARG F 167 25.81 -33.82 8.50
CA ARG F 167 25.43 -34.20 9.85
C ARG F 167 24.45 -33.19 10.43
N TRP F 168 23.43 -33.68 11.12
CA TRP F 168 22.46 -32.80 11.79
C TRP F 168 22.39 -33.14 13.27
N PHE F 169 21.94 -32.16 14.06
CA PHE F 169 21.97 -32.29 15.51
C PHE F 169 20.60 -31.96 16.10
N THR F 170 20.24 -32.65 17.18
CA THR F 170 19.13 -32.23 18.01
C THR F 170 19.64 -31.14 18.93
N ALA F 171 18.77 -30.58 19.76
CA ALA F 171 19.16 -29.54 20.69
C ALA F 171 20.25 -30.07 21.63
N ALA F 172 20.05 -31.28 22.12
CA ALA F 172 21.02 -31.91 23.01
C ALA F 172 22.35 -32.15 22.31
N GLU F 173 22.28 -32.79 21.14
CA GLU F 173 23.47 -33.09 20.35
C GLU F 173 24.21 -31.79 20.01
N ALA F 174 23.45 -30.73 19.79
CA ALA F 174 24.03 -29.43 19.49
C ALA F 174 24.75 -28.87 20.72
N LEU F 175 24.11 -29.00 21.87
CA LEU F 175 24.71 -28.59 23.14
C LEU F 175 26.02 -29.32 23.40
N GLU F 176 26.01 -30.63 23.12
CA GLU F 176 27.17 -31.47 23.31
C GLU F 176 28.29 -31.07 22.36
N TYR F 177 27.93 -30.85 21.09
CA TYR F 177 28.91 -30.54 20.05
C TYR F 177 29.57 -29.18 20.26
N GLY F 178 28.81 -28.21 20.76
CA GLY F 178 29.34 -26.90 21.10
C GLY F 178 28.71 -25.75 20.34
N PHE F 179 27.60 -26.01 19.64
CA PHE F 179 26.92 -24.95 18.90
C PHE F 179 26.29 -23.94 19.85
N VAL F 180 25.69 -24.45 20.92
CA VAL F 180 24.99 -23.60 21.87
C VAL F 180 25.44 -23.87 23.29
N ASP F 181 25.07 -22.98 24.20
CA ASP F 181 25.48 -23.08 25.60
C ASP F 181 24.32 -23.49 26.49
N HIS F 182 23.10 -23.30 26.01
CA HIS F 182 21.91 -23.60 26.82
C HIS F 182 20.82 -24.23 25.96
N ILE F 183 19.98 -25.04 26.59
CA ILE F 183 18.76 -25.55 25.98
C ILE F 183 17.55 -25.10 26.80
N ILE F 184 16.67 -24.31 26.21
CA ILE F 184 15.57 -23.72 26.97
C ILE F 184 14.39 -24.68 27.03
N THR F 185 14.48 -25.61 27.97
CA THR F 185 13.43 -26.58 28.22
C THR F 185 12.31 -25.99 29.06
N ARG F 186 12.70 -25.05 29.91
CA ARG F 186 11.76 -24.38 30.79
C ARG F 186 11.77 -22.87 30.53
N ALA F 187 10.80 -22.17 31.11
CA ALA F 187 10.59 -20.75 30.83
C ALA F 187 11.84 -19.92 31.08
N HIS F 188 12.16 -19.11 30.07
CA HIS F 188 13.40 -18.34 30.04
C HIS F 188 13.37 -17.20 31.06
N LEU G 8 4.89 2.49 4.54
CA LEU G 8 6.30 2.15 4.68
C LEU G 8 6.48 0.70 5.14
N SER G 9 7.50 0.04 4.59
CA SER G 9 7.82 -1.33 4.96
C SER G 9 8.88 -1.31 6.04
N LEU G 10 9.16 -2.48 6.61
CA LEU G 10 10.18 -2.61 7.64
C LEU G 10 11.55 -2.17 7.12
N THR G 11 11.92 -2.71 5.96
CA THR G 11 13.21 -2.40 5.36
C THR G 11 13.40 -0.90 5.15
N ASP G 12 12.44 -0.27 4.49
CA ASP G 12 12.50 1.16 4.25
C ASP G 12 12.49 1.93 5.56
N SER G 13 11.79 1.40 6.55
CA SER G 13 11.73 2.04 7.85
C SER G 13 13.10 2.04 8.51
N VAL G 14 13.79 0.90 8.46
CA VAL G 14 15.13 0.80 9.01
C VAL G 14 16.09 1.72 8.27
N TYR G 15 15.98 1.75 6.95
CA TYR G 15 16.83 2.61 6.14
C TYR G 15 16.57 4.09 6.42
N GLU G 16 15.32 4.44 6.65
CA GLU G 16 14.97 5.83 6.98
C GLU G 16 15.52 6.19 8.36
N ARG G 17 15.32 5.31 9.32
CA ARG G 17 15.84 5.51 10.66
C ARG G 17 17.35 5.61 10.63
N LEU G 18 17.97 4.86 9.72
CA LEU G 18 19.40 4.96 9.50
C LEU G 18 19.75 6.30 8.87
N LEU G 19 18.91 6.74 7.93
CA LEU G 19 19.09 8.04 7.29
C LEU G 19 19.13 9.13 8.34
N SER G 20 18.28 8.99 9.36
CA SER G 20 18.25 9.92 10.48
C SER G 20 19.57 9.88 11.25
N GLU G 21 20.26 8.73 11.18
CA GLU G 21 21.56 8.59 11.81
C GLU G 21 22.67 8.94 10.82
N ARG G 22 22.30 9.53 9.70
CA ARG G 22 23.24 9.89 8.64
C ARG G 22 24.01 8.66 8.14
N ILE G 23 23.30 7.56 7.99
CA ILE G 23 23.86 6.33 7.43
C ILE G 23 23.07 5.93 6.19
N ILE G 24 23.78 5.76 5.08
CA ILE G 24 23.15 5.40 3.81
C ILE G 24 23.76 4.11 3.29
N PHE G 25 22.99 3.36 2.51
CA PHE G 25 23.40 2.04 2.03
C PHE G 25 23.46 1.95 0.51
N LEU G 26 24.45 1.20 0.03
CA LEU G 26 24.54 0.81 -1.37
C LEU G 26 24.64 -0.71 -1.43
N GLY G 27 23.49 -1.37 -1.40
CA GLY G 27 23.44 -2.82 -1.28
C GLY G 27 22.95 -3.53 -2.53
N SER G 28 22.97 -2.84 -3.67
CA SER G 28 22.52 -3.42 -4.92
C SER G 28 23.33 -2.89 -6.10
N GLU G 29 23.01 -3.39 -7.29
CA GLU G 29 23.71 -2.98 -8.50
C GLU G 29 23.53 -1.48 -8.73
N VAL G 30 24.57 -0.83 -9.24
CA VAL G 30 24.53 0.60 -9.47
C VAL G 30 23.92 0.90 -10.84
N ASN G 31 22.81 1.62 -10.85
CA ASN G 31 22.19 2.06 -12.08
C ASN G 31 21.66 3.48 -11.90
N ASP G 32 20.98 3.98 -12.92
CA ASP G 32 20.47 5.35 -12.90
C ASP G 32 19.51 5.56 -11.73
N GLU G 33 18.66 4.58 -11.48
CA GLU G 33 17.67 4.69 -10.41
C GLU G 33 18.35 4.74 -9.05
N ILE G 34 19.17 3.73 -8.75
CA ILE G 34 19.91 3.70 -7.50
C ILE G 34 20.78 4.94 -7.36
N ALA G 35 21.36 5.39 -8.45
CA ALA G 35 22.18 6.60 -8.44
C ALA G 35 21.36 7.80 -8.00
N ASN G 36 20.22 8.01 -8.65
CA ASN G 36 19.34 9.13 -8.31
C ASN G 36 18.94 9.10 -6.85
N ARG G 37 18.56 7.91 -6.37
CA ARG G 37 18.14 7.75 -4.98
C ARG G 37 19.29 8.06 -4.02
N LEU G 38 20.46 7.52 -4.29
CA LEU G 38 21.62 7.74 -3.45
C LEU G 38 22.01 9.21 -3.45
N CYS G 39 22.08 9.80 -4.64
CA CYS G 39 22.38 11.23 -4.76
C CYS G 39 21.37 12.06 -3.98
N ALA G 40 20.11 11.69 -4.08
CA ALA G 40 19.04 12.38 -3.35
C ALA G 40 19.30 12.33 -1.85
N GLN G 41 19.64 11.15 -1.35
CA GLN G 41 19.93 10.97 0.07
C GLN G 41 21.10 11.83 0.51
N ILE G 42 22.17 11.83 -0.29
CA ILE G 42 23.36 12.62 0.03
C ILE G 42 23.02 14.11 0.08
N LEU G 43 22.29 14.60 -0.91
CA LEU G 43 21.89 16.00 -0.94
C LEU G 43 21.03 16.36 0.26
N LEU G 44 20.12 15.46 0.61
CA LEU G 44 19.25 15.67 1.76
C LEU G 44 20.05 15.81 3.04
N LEU G 45 20.94 14.85 3.29
CA LEU G 45 21.77 14.87 4.48
C LEU G 45 22.67 16.10 4.51
N ALA G 46 23.19 16.47 3.34
CA ALA G 46 24.02 17.65 3.22
C ALA G 46 23.21 18.90 3.53
N ALA G 47 21.95 18.91 3.08
CA ALA G 47 21.07 20.04 3.33
C ALA G 47 20.73 20.14 4.81
N GLU G 48 20.42 19.00 5.42
CA GLU G 48 20.05 18.95 6.83
C GLU G 48 21.19 19.43 7.73
N ASP G 49 22.39 18.92 7.48
CA ASP G 49 23.56 19.30 8.27
C ASP G 49 24.83 19.11 7.44
N ALA G 50 25.52 20.20 7.18
CA ALA G 50 26.70 20.20 6.31
C ALA G 50 28.00 20.00 7.08
N SER G 51 27.90 19.93 8.41
CA SER G 51 29.08 19.81 9.26
C SER G 51 29.32 18.39 9.71
N LYS G 52 28.25 17.60 9.76
CA LYS G 52 28.33 16.23 10.25
C LYS G 52 28.61 15.24 9.11
N ASP G 53 29.44 14.26 9.39
CA ASP G 53 29.82 13.25 8.41
C ASP G 53 28.63 12.44 7.89
N ILE G 54 28.84 11.81 6.75
CA ILE G 54 27.90 10.85 6.20
C ILE G 54 28.60 9.50 6.08
N SER G 55 27.93 8.43 6.53
CA SER G 55 28.49 7.10 6.46
C SER G 55 27.82 6.29 5.36
N LEU G 56 28.61 5.85 4.39
CA LEU G 56 28.11 5.06 3.27
C LEU G 56 28.59 3.62 3.37
N TYR G 57 27.67 2.71 3.62
CA TYR G 57 27.99 1.28 3.70
C TYR G 57 27.75 0.61 2.36
N ILE G 58 28.75 -0.10 1.86
CA ILE G 58 28.74 -0.62 0.50
C ILE G 58 28.77 -2.14 0.47
N ASN G 59 27.77 -2.71 -0.19
CA ASN G 59 27.75 -4.13 -0.50
C ASN G 59 27.12 -4.33 -1.88
N SER G 60 27.84 -3.90 -2.90
CA SER G 60 27.29 -3.81 -4.25
C SER G 60 28.19 -4.50 -5.28
N PRO G 61 27.59 -5.20 -6.26
CA PRO G 61 28.36 -5.80 -7.35
C PRO G 61 28.80 -4.79 -8.41
N GLY G 62 28.46 -3.51 -8.21
CA GLY G 62 28.86 -2.46 -9.13
C GLY G 62 27.79 -2.17 -10.17
N GLY G 63 28.19 -1.61 -11.31
CA GLY G 63 27.26 -1.30 -12.38
C GLY G 63 27.77 -0.28 -13.37
N SER G 64 26.88 0.56 -13.88
CA SER G 64 27.22 1.52 -14.93
C SER G 64 28.17 2.59 -14.40
N ILE G 65 29.12 3.00 -15.24
CA ILE G 65 30.10 4.00 -14.85
C ILE G 65 29.43 5.36 -14.65
N SER G 66 28.60 5.76 -15.60
CA SER G 66 27.94 7.06 -15.56
C SER G 66 27.18 7.27 -14.26
N ALA G 67 26.47 6.22 -13.83
CA ALA G 67 25.71 6.28 -12.58
C ALA G 67 26.64 6.48 -11.38
N GLY G 68 27.66 5.64 -11.28
CA GLY G 68 28.62 5.75 -10.20
C GLY G 68 29.31 7.09 -10.19
N ALA G 70 27.92 9.89 -11.26
CA ALA G 70 26.91 10.80 -10.76
C ALA G 70 26.91 10.77 -9.24
N ILE G 71 26.94 9.56 -8.68
CA ILE G 71 27.06 9.40 -7.23
C ILE G 71 28.33 10.08 -6.72
N TYR G 72 29.45 9.83 -7.40
CA TYR G 72 30.73 10.40 -6.99
C TYR G 72 30.69 11.92 -7.00
N ASP G 73 30.21 12.52 -8.09
CA ASP G 73 30.11 13.96 -8.17
C ASP G 73 29.29 14.51 -7.02
N THR G 74 28.18 13.85 -6.72
CA THR G 74 27.33 14.24 -5.61
C THR G 74 28.05 14.09 -4.28
N VAL G 76 31.42 14.34 -3.77
CA VAL G 76 32.38 15.43 -3.70
C VAL G 76 31.65 16.76 -3.49
N LEU G 77 30.47 16.88 -4.09
CA LEU G 77 29.66 18.08 -3.94
C LEU G 77 29.28 18.31 -2.49
N ALA G 78 28.98 17.23 -1.77
CA ALA G 78 28.60 17.34 -0.37
C ALA G 78 29.78 17.92 0.43
N PRO G 79 29.54 19.00 1.18
CA PRO G 79 30.64 19.62 1.94
C PRO G 79 31.16 18.73 3.06
N CYS G 80 30.26 18.03 3.73
CA CYS G 80 30.64 17.13 4.82
C CYS G 80 31.51 15.98 4.33
N ASP G 81 32.30 15.40 5.23
CA ASP G 81 33.09 14.23 4.91
C ASP G 81 32.19 13.03 4.70
N ILE G 82 32.58 12.15 3.77
CA ILE G 82 31.84 10.91 3.52
C ILE G 82 32.71 9.70 3.83
N ALA G 83 32.38 9.02 4.91
CA ALA G 83 33.06 7.80 5.29
C ALA G 83 32.45 6.60 4.56
N THR G 84 33.31 5.78 3.95
CA THR G 84 32.87 4.63 3.19
C THR G 84 33.24 3.32 3.90
N TYR G 85 32.32 2.37 3.88
CA TYR G 85 32.54 1.08 4.51
C TYR G 85 32.32 -0.06 3.52
N ALA G 86 33.37 -0.84 3.27
CA ALA G 86 33.25 -2.07 2.49
C ALA G 86 32.67 -3.16 3.36
N GLY G 88 30.39 -5.91 2.58
CA GLY G 88 30.39 -7.25 2.05
C GLY G 88 31.22 -7.37 0.79
N ALA G 90 32.58 -4.94 -2.72
CA ALA G 90 32.71 -3.71 -3.48
C ALA G 90 33.36 -4.02 -4.83
N ALA G 91 32.52 -4.19 -5.84
CA ALA G 91 32.98 -4.55 -7.17
C ALA G 91 32.72 -3.44 -8.16
N SER G 92 33.62 -3.30 -9.14
CA SER G 92 33.51 -2.29 -10.17
C SER G 92 33.31 -0.90 -9.57
N GLY G 94 31.38 -0.20 -7.07
CA GLY G 94 31.33 -0.33 -5.63
C GLY G 94 32.70 -0.05 -5.07
N GLU G 95 33.72 -0.62 -5.71
CA GLU G 95 35.10 -0.38 -5.34
C GLU G 95 35.47 1.09 -5.55
N PHE G 96 35.02 1.65 -6.66
CA PHE G 96 35.31 3.04 -6.98
C PHE G 96 34.76 3.99 -5.93
N LEU G 97 33.48 3.85 -5.61
CA LEU G 97 32.84 4.70 -4.63
C LEU G 97 33.45 4.47 -3.24
N LEU G 98 33.86 3.24 -2.97
CA LEU G 98 34.55 2.93 -1.71
C LEU G 98 35.83 3.74 -1.60
N ALA G 99 36.67 3.64 -2.64
CA ALA G 99 37.95 4.33 -2.65
C ALA G 99 37.77 5.83 -2.74
N ALA G 100 36.59 6.25 -3.20
CA ALA G 100 36.29 7.67 -3.36
C ALA G 100 35.93 8.33 -2.04
N GLY G 101 35.86 7.53 -0.97
CA GLY G 101 35.53 8.04 0.34
C GLY G 101 36.57 9.02 0.85
N THR G 102 36.21 9.81 1.84
CA THR G 102 37.14 10.75 2.46
C THR G 102 38.37 10.01 2.96
N LYS G 103 39.54 10.48 2.54
CA LYS G 103 40.79 9.83 2.92
C LYS G 103 40.93 9.80 4.43
N GLY G 104 41.20 8.61 4.97
CA GLY G 104 41.31 8.43 6.40
C GLY G 104 40.02 7.87 6.99
N LYS G 105 38.94 7.96 6.21
CA LYS G 105 37.63 7.47 6.65
C LYS G 105 37.09 6.41 5.69
N ARG G 106 37.98 5.71 5.02
CA ARG G 106 37.60 4.58 4.17
C ARG G 106 37.88 3.28 4.91
N TYR G 107 36.81 2.59 5.33
CA TYR G 107 36.93 1.39 6.14
C TYR G 107 36.54 0.12 5.39
N ALA G 108 37.11 -1.00 5.81
CA ALA G 108 36.74 -2.31 5.30
C ALA G 108 36.53 -3.28 6.45
N LEU G 109 35.48 -4.08 6.37
CA LEU G 109 35.23 -5.12 7.36
C LEU G 109 36.11 -6.32 7.03
N PRO G 110 36.51 -7.08 8.06
CA PRO G 110 37.55 -8.13 7.94
C PRO G 110 37.38 -9.09 6.76
N HIS G 111 36.15 -9.46 6.41
CA HIS G 111 35.94 -10.44 5.34
C HIS G 111 35.30 -9.83 4.10
N ALA G 112 35.42 -8.52 3.97
CA ALA G 112 34.97 -7.84 2.76
C ALA G 112 35.89 -8.20 1.60
N ARG G 113 35.38 -8.10 0.37
CA ARG G 113 36.15 -8.40 -0.82
C ARG G 113 36.00 -7.25 -1.81
N ILE G 114 37.14 -6.76 -2.30
CA ILE G 114 37.16 -5.64 -3.24
C ILE G 114 37.52 -6.17 -4.63
N LEU G 115 36.63 -6.00 -5.60
CA LEU G 115 36.88 -6.45 -6.97
C LEU G 115 37.08 -5.29 -7.94
N HIS G 117 37.31 -4.19 -12.02
CA HIS G 117 36.66 -4.67 -13.23
C HIS G 117 36.43 -3.53 -14.23
N GLN G 118 36.74 -3.80 -15.50
CA GLN G 118 36.47 -2.85 -16.57
C GLN G 118 35.07 -3.04 -17.12
N PRO G 119 34.16 -2.09 -16.85
CA PRO G 119 32.79 -2.27 -17.35
C PRO G 119 32.76 -2.26 -18.87
N LEU G 120 31.74 -2.86 -19.47
CA LEU G 120 31.63 -2.94 -20.92
C LEU G 120 30.70 -1.88 -21.51
N GLY G 121 30.05 -1.12 -20.63
CA GLY G 121 29.16 -0.05 -21.07
C GLY G 121 28.02 -0.54 -21.93
N ALA G 128 20.00 7.07 -28.68
CA ALA G 128 21.04 7.93 -29.26
C ALA G 128 21.91 7.14 -30.23
N ASP G 129 22.78 7.84 -30.95
CA ASP G 129 23.69 7.21 -31.90
C ASP G 129 24.78 6.45 -31.16
N ILE G 130 25.10 5.25 -31.63
CA ILE G 130 26.07 4.40 -30.96
C ILE G 130 27.46 5.03 -30.89
N ALA G 131 27.83 5.76 -31.93
CA ALA G 131 29.15 6.39 -31.98
C ALA G 131 29.30 7.39 -30.84
N ILE G 132 28.27 8.21 -30.63
CA ILE G 132 28.29 9.20 -29.56
C ILE G 132 28.39 8.51 -28.20
N GLN G 133 27.57 7.48 -27.99
CA GLN G 133 27.59 6.73 -26.76
C GLN G 133 28.99 6.15 -26.53
N ALA G 134 29.59 5.63 -27.59
CA ALA G 134 30.95 5.10 -27.52
C ALA G 134 31.95 6.17 -27.10
N GLU G 135 31.85 7.35 -27.72
CA GLU G 135 32.71 8.48 -27.38
C GLU G 135 32.65 8.80 -25.90
N GLN G 136 31.43 9.05 -25.43
CA GLN G 136 31.20 9.36 -24.02
C GLN G 136 31.77 8.29 -23.11
N PHE G 137 31.49 7.03 -23.42
CA PHE G 137 31.96 5.93 -22.59
C PHE G 137 33.48 5.92 -22.50
N ALA G 138 34.14 6.14 -23.64
CA ALA G 138 35.59 6.20 -23.67
C ALA G 138 36.11 7.28 -22.73
N VAL G 139 35.53 8.47 -22.82
CA VAL G 139 35.89 9.58 -21.94
C VAL G 139 35.73 9.22 -20.47
N ILE G 140 34.53 8.79 -20.09
CA ILE G 140 34.21 8.54 -18.68
C ILE G 140 35.03 7.36 -18.15
N LYS G 141 35.27 6.38 -19.01
CA LYS G 141 36.11 5.24 -18.64
C LYS G 141 37.52 5.69 -18.27
N LYS G 142 38.15 6.44 -19.16
CA LYS G 142 39.49 6.97 -18.92
C LYS G 142 39.51 7.76 -17.63
N GLU G 143 38.52 8.63 -17.45
CA GLU G 143 38.40 9.44 -16.25
C GLU G 143 38.25 8.57 -15.01
N PHE G 145 39.45 5.49 -14.60
CA PHE G 145 40.76 4.91 -14.32
C PHE G 145 41.65 5.93 -13.63
N ARG G 146 41.66 7.16 -14.15
CA ARG G 146 42.45 8.24 -13.58
C ARG G 146 42.12 8.44 -12.11
N LEU G 147 40.83 8.65 -11.82
CA LEU G 147 40.40 8.89 -10.45
C LEU G 147 40.69 7.69 -9.55
N ASN G 148 40.54 6.48 -10.10
CA ASN G 148 40.83 5.27 -9.33
C ASN G 148 42.29 5.25 -8.92
N ALA G 149 43.16 5.55 -9.89
CA ALA G 149 44.59 5.68 -9.63
C ALA G 149 44.86 6.72 -8.55
N GLU G 150 44.15 7.84 -8.64
CA GLU G 150 44.31 8.92 -7.66
C GLU G 150 43.90 8.45 -6.27
N PHE G 151 42.78 7.74 -6.18
CA PHE G 151 42.28 7.25 -4.91
C PHE G 151 43.24 6.26 -4.27
N THR G 152 43.68 5.28 -5.05
CA THR G 152 44.52 4.20 -4.55
C THR G 152 45.99 4.59 -4.45
N GLY G 153 46.38 5.61 -5.21
CA GLY G 153 47.76 6.04 -5.26
C GLY G 153 48.62 5.12 -6.12
N GLN G 154 47.96 4.32 -6.95
CA GLN G 154 48.65 3.43 -7.87
C GLN G 154 48.80 4.09 -9.24
N PRO G 155 49.75 3.60 -10.06
CA PRO G 155 49.87 4.12 -11.42
C PRO G 155 48.64 3.77 -12.25
N ILE G 156 48.31 4.62 -13.22
CA ILE G 156 47.16 4.37 -14.08
C ILE G 156 47.36 3.07 -14.84
N GLU G 157 48.61 2.80 -15.23
CA GLU G 157 48.93 1.59 -15.96
C GLU G 157 48.55 0.36 -15.15
N ARG G 158 48.80 0.41 -13.84
CA ARG G 158 48.51 -0.72 -12.97
C ARG G 158 47.01 -0.88 -12.74
N ILE G 159 46.30 0.24 -12.63
CA ILE G 159 44.85 0.21 -12.48
C ILE G 159 44.22 -0.47 -13.68
N GLU G 160 44.60 -0.04 -14.87
CA GLU G 160 44.09 -0.65 -16.10
C GLU G 160 44.49 -2.11 -16.17
N ALA G 161 45.76 -2.40 -15.88
CA ALA G 161 46.28 -3.75 -15.95
C ALA G 161 45.50 -4.69 -15.03
N ASP G 162 45.32 -4.27 -13.78
CA ASP G 162 44.59 -5.10 -12.82
C ASP G 162 43.10 -5.14 -13.14
N SER G 163 42.58 -4.02 -13.64
CA SER G 163 41.18 -3.97 -14.05
C SER G 163 40.91 -4.96 -15.18
N ASP G 164 41.85 -5.08 -16.11
CA ASP G 164 41.69 -5.98 -17.25
C ASP G 164 41.49 -7.42 -16.79
N ARG G 165 42.30 -7.87 -15.83
CA ARG G 165 42.25 -9.26 -15.40
C ARG G 165 41.36 -9.45 -14.17
N ASP G 166 40.51 -8.46 -13.91
CA ASP G 166 39.52 -8.55 -12.84
C ASP G 166 40.13 -8.96 -11.51
N ARG G 167 41.24 -8.33 -11.14
CA ARG G 167 41.90 -8.60 -9.88
C ARG G 167 40.99 -8.32 -8.69
N TRP G 168 41.00 -9.19 -7.69
CA TRP G 168 40.23 -8.97 -6.47
C TRP G 168 41.13 -9.01 -5.25
N PHE G 169 40.65 -8.38 -4.18
CA PHE G 169 41.42 -8.20 -2.95
C PHE G 169 40.65 -8.63 -1.72
N THR G 170 41.38 -9.16 -0.74
CA THR G 170 40.84 -9.33 0.60
C THR G 170 40.92 -7.98 1.29
N ALA G 171 40.44 -7.92 2.53
CA ALA G 171 40.48 -6.66 3.26
C ALA G 171 41.92 -6.17 3.42
N ALA G 172 42.82 -7.07 3.77
CA ALA G 172 44.23 -6.74 3.94
C ALA G 172 44.83 -6.29 2.62
N GLU G 173 44.65 -7.11 1.59
CA GLU G 173 45.18 -6.79 0.27
C GLU G 173 44.65 -5.45 -0.22
N ALA G 174 43.40 -5.17 0.11
CA ALA G 174 42.78 -3.90 -0.27
C ALA G 174 43.41 -2.75 0.48
N LEU G 175 43.62 -2.93 1.77
CA LEU G 175 44.27 -1.93 2.61
C LEU G 175 45.66 -1.62 2.08
N GLU G 176 46.38 -2.67 1.68
CA GLU G 176 47.72 -2.52 1.13
C GLU G 176 47.69 -1.79 -0.20
N TYR G 177 46.75 -2.18 -1.06
CA TYR G 177 46.66 -1.61 -2.40
C TYR G 177 46.33 -0.13 -2.37
N GLY G 178 45.50 0.27 -1.41
CA GLY G 178 45.17 1.67 -1.21
C GLY G 178 43.69 2.00 -1.33
N PHE G 179 42.85 0.97 -1.37
CA PHE G 179 41.41 1.18 -1.48
C PHE G 179 40.84 1.80 -0.20
N VAL G 180 41.31 1.30 0.94
CA VAL G 180 40.80 1.73 2.23
C VAL G 180 41.95 2.11 3.15
N ASP G 181 41.62 2.76 4.27
CA ASP G 181 42.64 3.25 5.20
C ASP G 181 42.69 2.41 6.48
N HIS G 182 41.60 1.72 6.78
CA HIS G 182 41.51 0.90 7.98
C HIS G 182 40.73 -0.38 7.79
N ILE G 183 41.05 -1.38 8.62
CA ILE G 183 40.24 -2.57 8.75
C ILE G 183 39.70 -2.61 10.17
N ILE G 184 38.40 -2.36 10.30
CA ILE G 184 37.77 -2.24 11.60
C ILE G 184 37.13 -3.56 12.05
N THR G 185 37.81 -4.29 12.92
CA THR G 185 37.23 -5.50 13.48
C THR G 185 36.14 -5.13 14.48
N ARG G 186 36.38 -4.05 15.23
CA ARG G 186 35.42 -3.56 16.21
C ARG G 186 35.28 -2.04 16.14
N ALA G 187 34.08 -1.55 16.43
CA ALA G 187 33.80 -0.12 16.34
C ALA G 187 34.22 0.60 17.61
#